data_5CPN
#
_entry.id   5CPN
#
_cell.length_a   84.370
_cell.length_b   158.050
_cell.length_c   57.370
_cell.angle_alpha   90.00
_cell.angle_beta   90.00
_cell.angle_gamma   90.00
#
_symmetry.space_group_name_H-M   'P 21 21 2'
#
loop_
_entity.id
_entity.type
_entity.pdbx_description
1 polymer 'Xenobiotic reductase'
2 non-polymer 1-[(3S)-1-benzylpiperidin-3-yl]ethanone
3 non-polymer 1-DEOXY-1-(7,8-DIMETHYL-2,4-DIOXO-3,4-DIHYDRO-2H-BENZO[G]PTERIDIN-1-ID-10(5H)-YL)-5-O-PHOSPHONATO-D-RIBITOL
4 water water
#
_entity_poly.entity_id   1
_entity_poly.type   'polypeptide(L)'
_entity_poly.pdbx_seq_one_letter_code
;MSALFEPYTLKDVTLRNRIAIPPMCQYMAEDGLINDWHQVHYASMARGGAGLLVVEATAVAPEGRITPGCAGIWSDAHAQ
AFVPVVQAIKAAGSVPGIQIAHAGRKASANRPWEGDDHIGADDARGWETIAPSAIAFGAHLPNVPRAMTLDDIARVKQDF
VDAARRARDAGFEWIELHFAHGYLGQSFFSEHSNKRTDAYGGSFDNRSRFLLETLAAVREVWPENLPLTARFGVLEYDGR
DEQTLEESIELARRFKAGGLDLLSVSVGFTIPETNIPWGPAFMGPIAERVRREAKLPVTSAWGFGTPQLAEAALQANQLD
LVSVGRAHLADPHWAYFAAKELGVEKASWTLPAPYAHWLERYRRPHHHHHH
;
_entity_poly.pdbx_strand_id   A,B
#
# COMPACT_ATOMS: atom_id res chain seq x y z
N SER A 2 -24.76 7.14 -1.43
CA SER A 2 -24.19 6.13 -2.31
C SER A 2 -24.47 4.68 -1.85
N ALA A 3 -25.02 3.84 -2.73
CA ALA A 3 -25.24 2.43 -2.40
C ALA A 3 -23.93 1.73 -2.08
N LEU A 4 -22.89 2.08 -2.84
CA LEU A 4 -21.58 1.47 -2.68
C LEU A 4 -21.01 1.68 -1.28
N PHE A 5 -21.42 2.71 -0.56
CA PHE A 5 -20.87 2.96 0.75
C PHE A 5 -21.85 2.78 1.91
N GLU A 6 -22.92 2.04 1.66
CA GLU A 6 -23.78 1.53 2.72
C GLU A 6 -23.17 0.26 3.34
N PRO A 7 -23.26 0.11 4.67
CA PRO A 7 -22.81 -1.16 5.26
C PRO A 7 -23.69 -2.35 4.87
N TYR A 8 -23.18 -3.52 5.19
CA TYR A 8 -23.80 -4.79 4.87
C TYR A 8 -23.58 -5.72 6.03
N THR A 9 -24.67 -6.30 6.53
CA THR A 9 -24.59 -7.28 7.61
C THR A 9 -25.04 -8.65 7.12
N LEU A 10 -24.24 -9.66 7.45
CA LEU A 10 -24.54 -11.02 7.08
C LEU A 10 -24.06 -11.86 8.24
N LYS A 11 -24.96 -12.68 8.80
CA LYS A 11 -24.72 -13.36 10.07
C LYS A 11 -24.21 -12.29 11.07
N ASP A 12 -23.15 -12.55 11.83
CA ASP A 12 -22.68 -11.54 12.79
C ASP A 12 -21.64 -10.55 12.27
N VAL A 13 -21.35 -10.59 10.98
CA VAL A 13 -20.32 -9.72 10.37
C VAL A 13 -20.99 -8.51 9.77
N THR A 14 -20.45 -7.34 10.05
CA THR A 14 -20.86 -6.11 9.41
C THR A 14 -19.70 -5.49 8.65
N LEU A 15 -19.92 -5.29 7.35
CA LEU A 15 -18.96 -4.65 6.46
C LEU A 15 -19.26 -3.16 6.38
N ARG A 16 -18.20 -2.36 6.43
CA ARG A 16 -18.39 -0.91 6.46
C ARG A 16 -18.89 -0.31 5.14
N ASN A 17 -18.73 -1.03 4.03
CA ASN A 17 -19.32 -0.65 2.74
C ASN A 17 -19.48 -1.88 1.85
N ARG A 18 -19.89 -1.68 0.60
CA ARG A 18 -20.18 -2.80 -0.32
C ARG A 18 -19.02 -3.15 -1.24
N ILE A 19 -17.82 -2.63 -0.96
CA ILE A 19 -16.63 -2.91 -1.76
C ILE A 19 -15.95 -4.14 -1.19
N ALA A 20 -15.84 -5.18 -2.00
CA ALA A 20 -15.11 -6.39 -1.63
C ALA A 20 -13.89 -6.50 -2.51
N ILE A 21 -12.73 -6.87 -1.91
CA ILE A 21 -11.56 -7.23 -2.68
C ILE A 21 -11.61 -8.73 -2.86
N PRO A 22 -11.75 -9.20 -4.11
CA PRO A 22 -11.84 -10.64 -4.30
C PRO A 22 -10.48 -11.30 -4.19
N PRO A 23 -10.49 -12.62 -4.06
CA PRO A 23 -9.21 -13.30 -3.97
C PRO A 23 -8.36 -13.15 -5.22
N MET A 24 -7.11 -12.74 -5.03
CA MET A 24 -6.13 -12.60 -6.11
C MET A 24 -4.79 -13.18 -5.75
N CYS A 25 -4.53 -14.41 -6.23
CA CYS A 25 -3.21 -15.06 -6.19
C CYS A 25 -2.05 -14.12 -6.45
N GLN A 26 -1.03 -14.21 -5.59
CA GLN A 26 0.17 -13.38 -5.69
C GLN A 26 1.38 -14.14 -6.19
N TYR A 27 1.30 -15.46 -6.13
CA TYR A 27 2.34 -16.37 -6.58
C TYR A 27 3.67 -16.01 -5.92
N MET A 28 3.61 -15.58 -4.66
CA MET A 28 4.85 -15.16 -3.95
C MET A 28 5.17 -15.98 -2.68
N ALA A 29 4.40 -17.03 -2.43
CA ALA A 29 4.64 -17.91 -1.30
C ALA A 29 5.74 -18.92 -1.63
N GLU A 30 6.28 -19.54 -0.59
CA GLU A 30 7.36 -20.52 -0.70
C GLU A 30 6.93 -21.71 0.13
N ASP A 31 6.82 -22.86 -0.52
CA ASP A 31 6.29 -24.06 0.13
C ASP A 31 4.96 -23.79 0.85
N GLY A 32 4.13 -22.95 0.27
CA GLY A 32 2.83 -22.64 0.85
C GLY A 32 2.82 -21.55 1.89
N LEU A 33 4.00 -21.21 2.43
CA LEU A 33 4.10 -20.20 3.48
C LEU A 33 4.09 -18.78 2.90
N ILE A 34 3.14 -17.96 3.33
CA ILE A 34 3.13 -16.57 2.94
C ILE A 34 4.24 -15.77 3.70
N ASN A 35 4.46 -14.51 3.34
CA ASN A 35 5.63 -13.79 3.86
C ASN A 35 5.39 -12.28 3.79
N ASP A 36 6.47 -11.51 3.90
CA ASP A 36 6.43 -10.03 3.88
C ASP A 36 5.71 -9.45 2.68
N TRP A 37 5.76 -10.17 1.55
CA TRP A 37 5.07 -9.69 0.34
C TRP A 37 3.58 -9.58 0.65
N HIS A 38 2.99 -10.66 1.17
CA HIS A 38 1.56 -10.72 1.45
C HIS A 38 1.19 -9.76 2.58
N GLN A 39 2.06 -9.67 3.59
CA GLN A 39 1.74 -8.83 4.75
C GLN A 39 1.45 -7.37 4.28
N VAL A 40 2.32 -6.81 3.45
CA VAL A 40 2.18 -5.41 3.02
C VAL A 40 1.07 -5.28 2.02
N HIS A 41 1.02 -6.24 1.09
CA HIS A 41 -0.01 -6.26 0.05
C HIS A 41 -1.42 -6.17 0.65
N TYR A 42 -1.71 -7.05 1.60
CA TYR A 42 -3.04 -7.11 2.20
C TYR A 42 -3.27 -5.97 3.17
N ALA A 43 -2.31 -5.64 4.02
CA ALA A 43 -2.51 -4.54 4.97
C ALA A 43 -2.75 -3.20 4.23
N SER A 44 -2.03 -2.99 3.12
CA SER A 44 -2.15 -1.73 2.38
C SER A 44 -3.53 -1.60 1.76
N MET A 45 -3.99 -2.68 1.12
CA MET A 45 -5.34 -2.68 0.52
C MET A 45 -6.47 -2.48 1.54
N ALA A 46 -6.33 -3.08 2.72
CA ALA A 46 -7.32 -2.94 3.79
C ALA A 46 -7.40 -1.51 4.27
N ARG A 47 -6.24 -0.85 4.38
CA ARG A 47 -6.18 0.56 4.75
C ARG A 47 -6.80 1.45 3.70
N GLY A 48 -6.79 1.00 2.44
CA GLY A 48 -7.44 1.69 1.34
C GLY A 48 -8.93 1.92 1.46
N GLY A 49 -9.59 1.14 2.33
CA GLY A 49 -10.98 1.39 2.65
C GLY A 49 -11.98 0.30 2.30
N ALA A 50 -11.58 -0.75 1.61
CA ALA A 50 -12.58 -1.76 1.25
C ALA A 50 -13.17 -2.37 2.53
N GLY A 51 -14.46 -2.70 2.51
CA GLY A 51 -15.07 -3.31 3.69
C GLY A 51 -14.73 -4.77 3.92
N LEU A 52 -14.31 -5.47 2.87
CA LEU A 52 -14.12 -6.92 2.95
C LEU A 52 -12.91 -7.24 2.10
N LEU A 53 -11.99 -8.03 2.63
CA LEU A 53 -10.81 -8.44 1.85
C LEU A 53 -10.68 -9.97 1.93
N VAL A 54 -11.00 -10.64 0.84
CA VAL A 54 -10.88 -12.11 0.77
C VAL A 54 -9.46 -12.47 0.28
N VAL A 55 -8.66 -13.06 1.15
CA VAL A 55 -7.30 -13.50 0.81
C VAL A 55 -7.36 -14.53 -0.33
N GLU A 56 -6.37 -14.45 -1.22
CA GLU A 56 -6.19 -15.35 -2.38
C GLU A 56 -6.42 -16.83 -2.12
N ALA A 57 -6.65 -17.56 -3.22
CA ALA A 57 -6.80 -19.00 -3.24
C ALA A 57 -5.68 -19.69 -2.51
N THR A 58 -6.05 -20.34 -1.43
CA THR A 58 -5.10 -20.89 -0.50
C THR A 58 -5.36 -22.39 -0.51
N ALA A 59 -4.35 -23.13 -0.91
CA ALA A 59 -4.44 -24.55 -1.21
C ALA A 59 -4.67 -25.38 0.06
N VAL A 60 -5.63 -26.32 0.00
CA VAL A 60 -5.96 -27.19 1.14
C VAL A 60 -4.97 -28.34 1.25
N ALA A 61 -4.16 -28.50 0.21
CA ALA A 61 -3.20 -29.62 0.11
C ALA A 61 -2.08 -29.21 -0.88
N PRO A 62 -0.85 -29.71 -0.72
CA PRO A 62 0.24 -29.22 -1.60
C PRO A 62 -0.02 -29.34 -3.09
N GLU A 63 -0.50 -30.51 -3.51
CA GLU A 63 -0.83 -30.80 -4.91
C GLU A 63 -1.99 -29.99 -5.41
N GLY A 64 -2.74 -29.38 -4.49
CA GLY A 64 -3.83 -28.49 -4.83
C GLY A 64 -3.43 -27.04 -5.12
N ARG A 65 -2.14 -26.70 -4.99
CA ARG A 65 -1.63 -25.40 -5.45
C ARG A 65 -1.72 -25.36 -6.96
N ILE A 66 -1.91 -24.17 -7.52
CA ILE A 66 -1.76 -23.97 -8.96
C ILE A 66 -0.26 -24.02 -9.33
N THR A 67 0.53 -23.28 -8.56
CA THR A 67 1.96 -23.05 -8.83
C THR A 67 2.85 -23.26 -7.61
N PRO A 68 4.17 -23.36 -7.83
CA PRO A 68 5.04 -23.43 -6.65
C PRO A 68 5.02 -22.17 -5.80
N GLY A 69 4.36 -21.10 -6.26
CA GLY A 69 4.24 -19.88 -5.49
C GLY A 69 2.95 -19.68 -4.73
N CYS A 70 1.98 -20.60 -4.84
CA CYS A 70 0.68 -20.40 -4.18
C CYS A 70 0.75 -20.58 -2.66
N ALA A 71 -0.07 -19.80 -1.95
CA ALA A 71 -0.27 -19.92 -0.53
C ALA A 71 -0.92 -21.28 -0.20
N GLY A 72 -0.61 -21.80 0.97
CA GLY A 72 -1.27 -23.03 1.43
C GLY A 72 -1.70 -22.92 2.88
N ILE A 73 -2.61 -23.80 3.29
CA ILE A 73 -3.08 -23.86 4.67
C ILE A 73 -3.25 -25.30 5.10
N TRP A 74 -2.39 -26.17 4.56
CA TRP A 74 -2.47 -27.61 4.81
C TRP A 74 -1.76 -28.07 6.09
N SER A 75 -1.30 -27.13 6.90
CA SER A 75 -0.72 -27.45 8.21
C SER A 75 -0.96 -26.29 9.16
N ASP A 76 -0.78 -26.55 10.46
CA ASP A 76 -0.99 -25.53 11.47
C ASP A 76 0.03 -24.39 11.32
N ALA A 77 1.29 -24.74 11.08
CA ALA A 77 2.31 -23.72 10.79
C ALA A 77 1.87 -22.81 9.63
N HIS A 78 1.27 -23.37 8.59
CA HIS A 78 0.79 -22.57 7.45
C HIS A 78 -0.30 -21.60 7.89
N ALA A 79 -1.16 -22.06 8.78
CA ALA A 79 -2.25 -21.25 9.29
C ALA A 79 -1.74 -20.13 10.16
N GLN A 80 -0.71 -20.40 10.95
CA GLN A 80 -0.16 -19.41 11.88
C GLN A 80 0.43 -18.24 11.13
N ALA A 81 0.90 -18.47 9.91
CA ALA A 81 1.48 -17.42 9.09
C ALA A 81 0.45 -16.39 8.70
N PHE A 82 -0.82 -16.80 8.65
CA PHE A 82 -1.90 -15.89 8.28
C PHE A 82 -2.33 -14.94 9.39
N VAL A 83 -2.01 -15.27 10.64
CA VAL A 83 -2.49 -14.49 11.79
C VAL A 83 -2.13 -13.00 11.66
N PRO A 84 -0.87 -12.65 11.31
CA PRO A 84 -0.55 -11.21 11.17
C PRO A 84 -1.31 -10.48 10.05
N VAL A 85 -1.62 -11.19 8.98
CA VAL A 85 -2.51 -10.69 7.91
C VAL A 85 -3.93 -10.44 8.42
N VAL A 86 -4.50 -11.42 9.13
CA VAL A 86 -5.81 -11.27 9.75
C VAL A 86 -5.81 -10.04 10.65
N GLN A 87 -4.85 -9.98 11.57
CA GLN A 87 -4.75 -8.84 12.49
C GLN A 87 -4.60 -7.48 11.78
N ALA A 88 -3.86 -7.41 10.66
CA ALA A 88 -3.67 -6.13 9.96
C ALA A 88 -4.92 -5.68 9.21
N ILE A 89 -5.63 -6.64 8.64
CA ILE A 89 -6.88 -6.34 7.94
C ILE A 89 -7.89 -5.82 8.94
N LYS A 90 -8.00 -6.51 10.07
CA LYS A 90 -8.85 -6.05 11.16
C LYS A 90 -8.46 -4.67 11.73
N ALA A 91 -7.16 -4.44 11.97
CA ALA A 91 -6.67 -3.15 12.48
C ALA A 91 -7.03 -1.99 11.54
N ALA A 92 -7.17 -2.27 10.25
CA ALA A 92 -7.56 -1.24 9.29
C ALA A 92 -9.09 -1.05 9.16
N GLY A 93 -9.88 -1.84 9.90
CA GLY A 93 -11.34 -1.71 9.87
C GLY A 93 -12.07 -2.53 8.81
N SER A 94 -11.34 -3.38 8.11
CA SER A 94 -11.90 -4.19 7.04
C SER A 94 -12.16 -5.55 7.66
N VAL A 95 -12.87 -6.44 6.97
CA VAL A 95 -13.13 -7.77 7.49
C VAL A 95 -12.23 -8.73 6.75
N PRO A 96 -11.47 -9.56 7.48
CA PRO A 96 -10.65 -10.58 6.82
C PRO A 96 -11.41 -11.88 6.37
N GLY A 97 -11.33 -12.18 5.07
CA GLY A 97 -11.80 -13.46 4.57
C GLY A 97 -10.69 -14.26 3.93
N ILE A 98 -10.95 -15.56 3.68
CA ILE A 98 -10.04 -16.37 2.88
C ILE A 98 -10.79 -17.32 1.93
N GLN A 99 -10.19 -17.55 0.78
CA GLN A 99 -10.68 -18.51 -0.18
C GLN A 99 -9.83 -19.77 -0.06
N ILE A 100 -10.44 -20.91 0.23
CA ILE A 100 -9.70 -22.16 0.27
C ILE A 100 -10.01 -22.95 -0.99
N ALA A 101 -9.00 -23.66 -1.48
CA ALA A 101 -8.98 -24.07 -2.86
C ALA A 101 -8.21 -25.34 -3.11
N HIS A 102 -8.48 -25.95 -4.25
CA HIS A 102 -7.73 -27.07 -4.77
C HIS A 102 -7.75 -26.98 -6.27
N ALA A 103 -6.58 -26.84 -6.90
CA ALA A 103 -6.52 -26.50 -8.32
C ALA A 103 -6.89 -27.69 -9.26
N GLY A 104 -7.00 -28.89 -8.75
CA GLY A 104 -7.43 -30.00 -9.62
C GLY A 104 -6.49 -30.14 -10.82
N ARG A 105 -7.04 -30.27 -12.02
CA ARG A 105 -6.20 -30.56 -13.18
C ARG A 105 -5.40 -29.35 -13.66
N LYS A 106 -5.75 -28.15 -13.19
CA LYS A 106 -4.96 -26.94 -13.50
C LYS A 106 -3.76 -26.70 -12.56
N ALA A 107 -3.51 -27.65 -11.68
CA ALA A 107 -2.34 -27.61 -10.81
C ALA A 107 -1.02 -27.93 -11.51
N SER A 108 0.08 -27.72 -10.78
CA SER A 108 1.44 -27.91 -11.29
C SER A 108 1.72 -27.02 -12.53
N ALA A 109 1.36 -25.75 -12.42
CA ALA A 109 1.64 -24.80 -13.48
C ALA A 109 2.71 -23.78 -13.06
N ASN A 110 3.36 -23.20 -14.08
CA ASN A 110 4.27 -22.08 -13.85
C ASN A 110 3.52 -20.81 -13.44
N ARG A 111 4.22 -19.90 -12.76
CA ARG A 111 3.70 -18.58 -12.46
C ARG A 111 3.31 -17.87 -13.78
N PRO A 112 2.29 -16.99 -13.73
CA PRO A 112 1.77 -16.40 -14.98
C PRO A 112 2.80 -15.64 -15.81
N TRP A 113 3.78 -15.02 -15.16
CA TRP A 113 4.84 -14.27 -15.84
C TRP A 113 6.10 -15.12 -16.05
N GLU A 114 5.98 -16.42 -15.78
CA GLU A 114 7.06 -17.35 -16.03
C GLU A 114 6.59 -18.47 -16.97
N GLY A 115 5.67 -18.14 -17.86
CA GLY A 115 5.15 -19.12 -18.81
C GLY A 115 3.68 -19.50 -18.72
N ASP A 116 3.11 -19.45 -17.52
CA ASP A 116 1.67 -19.67 -17.27
C ASP A 116 1.14 -21.03 -17.74
N ASP A 117 2.06 -21.95 -18.02
CA ASP A 117 1.74 -23.23 -18.64
C ASP A 117 2.09 -24.36 -17.68
N HIS A 118 1.62 -25.56 -17.98
CA HIS A 118 1.90 -26.70 -17.14
C HIS A 118 3.40 -26.93 -17.06
N ILE A 119 3.85 -27.28 -15.87
CA ILE A 119 5.27 -27.59 -15.66
C ILE A 119 5.60 -28.90 -16.35
N GLY A 120 6.71 -28.94 -17.07
CA GLY A 120 7.06 -30.12 -17.83
C GLY A 120 7.44 -31.30 -16.95
N ALA A 121 7.33 -32.49 -17.54
CA ALA A 121 7.65 -33.74 -16.85
C ALA A 121 9.04 -33.75 -16.26
N ASP A 122 9.99 -33.12 -16.95
CA ASP A 122 11.40 -33.22 -16.57
C ASP A 122 11.83 -32.11 -15.61
N ASP A 123 10.88 -31.29 -15.19
CA ASP A 123 11.17 -30.20 -14.26
C ASP A 123 10.75 -30.69 -12.87
N ALA A 124 11.70 -30.68 -11.94
CA ALA A 124 11.51 -31.28 -10.63
C ALA A 124 10.53 -30.48 -9.78
N ARG A 125 10.20 -29.26 -10.21
CA ARG A 125 9.29 -28.44 -9.42
C ARG A 125 7.85 -28.92 -9.61
N GLY A 126 7.59 -29.77 -10.61
CA GLY A 126 6.22 -30.19 -10.89
C GLY A 126 5.74 -31.35 -10.04
N TRP A 127 4.45 -31.68 -10.17
CA TRP A 127 3.86 -32.84 -9.46
C TRP A 127 2.66 -33.41 -10.20
N GLU A 128 2.23 -34.63 -9.81
CA GLU A 128 1.06 -35.22 -10.44
C GLU A 128 -0.18 -34.49 -9.96
N THR A 129 -1.11 -34.27 -10.87
CA THR A 129 -2.38 -33.66 -10.53
C THR A 129 -3.47 -34.72 -10.36
N ILE A 130 -4.57 -34.30 -9.75
CA ILE A 130 -5.72 -35.18 -9.55
C ILE A 130 -6.96 -34.44 -10.00
N ALA A 131 -7.93 -35.22 -10.44
CA ALA A 131 -9.19 -34.68 -10.96
C ALA A 131 -10.25 -35.79 -10.96
N PRO A 132 -11.54 -35.43 -11.16
CA PRO A 132 -12.59 -36.47 -11.22
C PRO A 132 -12.28 -37.56 -12.23
N SER A 133 -11.71 -37.17 -13.38
CA SER A 133 -11.44 -38.08 -14.51
C SER A 133 -10.12 -37.74 -15.21
N ALA A 134 -9.51 -38.75 -15.82
CA ALA A 134 -8.20 -38.61 -16.43
C ALA A 134 -8.31 -37.96 -17.81
N ILE A 135 -8.56 -36.65 -17.82
CA ILE A 135 -8.79 -35.87 -19.02
C ILE A 135 -8.12 -34.51 -18.87
N ALA A 136 -7.28 -34.12 -19.83
CA ALA A 136 -6.59 -32.83 -19.73
C ALA A 136 -7.49 -31.66 -20.11
N PHE A 137 -7.16 -30.50 -19.56
CA PHE A 137 -7.79 -29.25 -19.94
C PHE A 137 -7.49 -28.97 -21.41
N GLY A 138 -6.23 -29.17 -21.78
CA GLY A 138 -5.73 -28.90 -23.12
C GLY A 138 -5.01 -27.57 -23.23
N ALA A 139 -4.75 -27.14 -24.45
CA ALA A 139 -4.10 -25.85 -24.65
C ALA A 139 -2.78 -25.77 -23.86
N HIS A 140 -2.62 -24.73 -23.04
CA HIS A 140 -1.37 -24.50 -22.30
C HIS A 140 -1.26 -25.36 -21.03
N LEU A 141 -2.29 -26.17 -20.78
CA LEU A 141 -2.33 -27.09 -19.64
C LEU A 141 -2.65 -28.53 -20.12
N PRO A 142 -1.69 -29.14 -20.83
CA PRO A 142 -1.90 -30.45 -21.46
C PRO A 142 -1.78 -31.66 -20.53
N ASN A 143 -1.23 -31.51 -19.33
CA ASN A 143 -0.98 -32.64 -18.44
C ASN A 143 -2.26 -33.36 -18.04
N VAL A 144 -2.26 -34.69 -18.20
CA VAL A 144 -3.39 -35.51 -17.87
C VAL A 144 -3.38 -35.79 -16.37
N PRO A 145 -4.46 -35.41 -15.68
CA PRO A 145 -4.56 -35.77 -14.25
C PRO A 145 -4.86 -37.25 -13.99
N ARG A 146 -4.54 -37.67 -12.77
CA ARG A 146 -4.91 -38.98 -12.22
C ARG A 146 -6.37 -38.92 -11.77
N ALA A 147 -7.19 -39.90 -12.15
CA ALA A 147 -8.60 -39.90 -11.73
C ALA A 147 -8.67 -40.24 -10.26
N MET A 148 -9.39 -39.42 -9.51
CA MET A 148 -9.45 -39.64 -8.07
C MET A 148 -10.15 -40.95 -7.66
N THR A 149 -9.57 -41.60 -6.64
CA THR A 149 -10.16 -42.77 -6.00
C THR A 149 -11.18 -42.32 -4.96
N LEU A 150 -11.94 -43.25 -4.41
CA LEU A 150 -12.85 -42.86 -3.33
C LEU A 150 -12.08 -42.44 -2.08
N ASP A 151 -10.92 -43.04 -1.83
CA ASP A 151 -10.15 -42.58 -0.69
C ASP A 151 -9.63 -41.15 -0.94
N ASP A 152 -9.22 -40.89 -2.16
CA ASP A 152 -8.81 -39.53 -2.56
C ASP A 152 -9.94 -38.52 -2.27
N ILE A 153 -11.17 -38.91 -2.60
CA ILE A 153 -12.31 -37.98 -2.49
C ILE A 153 -12.53 -37.68 -1.03
N ALA A 154 -12.43 -38.70 -0.18
CA ALA A 154 -12.58 -38.48 1.24
C ALA A 154 -11.43 -37.66 1.85
N ARG A 155 -10.21 -37.87 1.37
CA ARG A 155 -9.05 -37.17 1.90
C ARG A 155 -9.17 -35.70 1.56
N VAL A 156 -9.58 -35.39 0.33
CA VAL A 156 -9.62 -33.98 -0.06
C VAL A 156 -10.74 -33.29 0.70
N LYS A 157 -11.90 -33.96 0.87
CA LYS A 157 -12.96 -33.34 1.67
C LYS A 157 -12.46 -33.02 3.07
N GLN A 158 -11.67 -33.91 3.64
CA GLN A 158 -11.15 -33.68 4.98
C GLN A 158 -10.08 -32.56 5.02
N ASP A 159 -9.36 -32.34 3.91
CA ASP A 159 -8.38 -31.25 3.82
C ASP A 159 -9.14 -29.94 3.77
N PHE A 160 -10.26 -29.91 3.06
CA PHE A 160 -11.10 -28.71 3.12
C PHE A 160 -11.61 -28.47 4.55
N VAL A 161 -11.99 -29.53 5.26
CA VAL A 161 -12.49 -29.33 6.61
C VAL A 161 -11.34 -28.75 7.48
N ASP A 162 -10.15 -29.33 7.33
CA ASP A 162 -9.00 -28.91 8.15
C ASP A 162 -8.61 -27.49 7.83
N ALA A 163 -8.55 -27.19 6.54
CA ALA A 163 -8.34 -25.81 6.10
C ALA A 163 -9.32 -24.82 6.74
N ALA A 164 -10.61 -25.17 6.76
CA ALA A 164 -11.61 -24.27 7.36
C ALA A 164 -11.43 -24.19 8.87
N ARG A 165 -11.14 -25.31 9.49
CA ARG A 165 -10.82 -25.34 10.93
C ARG A 165 -9.68 -24.33 11.22
N ARG A 166 -8.65 -24.36 10.40
CA ARG A 166 -7.46 -23.54 10.63
C ARG A 166 -7.76 -22.09 10.36
N ALA A 167 -8.54 -21.83 9.32
CA ALA A 167 -8.90 -20.45 8.99
C ALA A 167 -9.70 -19.83 10.14
N ARG A 168 -10.65 -20.60 10.65
CA ARG A 168 -11.42 -20.20 11.83
C ARG A 168 -10.52 -19.79 12.98
N ASP A 169 -9.61 -20.68 13.32
CA ASP A 169 -8.74 -20.51 14.48
C ASP A 169 -7.71 -19.40 14.28
N ALA A 170 -7.36 -19.13 13.02
CA ALA A 170 -6.45 -18.04 12.68
C ALA A 170 -7.14 -16.67 12.78
N GLY A 171 -8.46 -16.66 12.91
CA GLY A 171 -9.20 -15.42 13.07
C GLY A 171 -9.96 -14.92 11.87
N PHE A 172 -10.00 -15.67 10.77
CA PHE A 172 -10.79 -15.18 9.62
C PHE A 172 -12.27 -15.14 10.00
N GLU A 173 -12.98 -14.17 9.45
CA GLU A 173 -14.38 -13.94 9.79
C GLU A 173 -15.33 -14.21 8.62
N TRP A 174 -14.81 -14.85 7.57
CA TRP A 174 -15.50 -15.00 6.30
C TRP A 174 -14.73 -16.04 5.51
N ILE A 175 -15.42 -17.08 5.04
CA ILE A 175 -14.75 -18.11 4.26
C ILE A 175 -15.43 -18.30 2.91
N GLU A 176 -14.61 -18.67 1.91
CA GLU A 176 -15.08 -18.84 0.54
C GLU A 176 -14.50 -20.12 -0.01
N LEU A 177 -15.39 -21.08 -0.36
CA LEU A 177 -14.96 -22.33 -1.00
C LEU A 177 -14.81 -22.08 -2.50
N HIS A 178 -13.65 -22.42 -3.05
CA HIS A 178 -13.38 -22.15 -4.47
C HIS A 178 -13.92 -23.31 -5.31
N PHE A 179 -15.18 -23.15 -5.73
CA PHE A 179 -15.80 -24.15 -6.60
C PHE A 179 -15.91 -23.60 -8.01
N ALA A 180 -15.01 -22.69 -8.39
CA ALA A 180 -15.12 -22.07 -9.70
C ALA A 180 -13.84 -22.18 -10.54
N HIS A 181 -13.89 -21.63 -11.75
CA HIS A 181 -12.70 -21.36 -12.58
C HIS A 181 -11.94 -22.61 -13.00
N GLY A 182 -12.63 -23.75 -13.06
CA GLY A 182 -12.05 -24.91 -13.69
C GLY A 182 -11.20 -25.77 -12.80
N TYR A 183 -11.24 -25.46 -11.51
CA TYR A 183 -10.39 -26.19 -10.55
C TYR A 183 -11.20 -27.38 -10.04
N LEU A 184 -10.76 -28.03 -8.98
CA LEU A 184 -11.27 -29.37 -8.66
C LEU A 184 -12.81 -29.41 -8.54
N GLY A 185 -13.37 -28.56 -7.68
CA GLY A 185 -14.80 -28.48 -7.47
C GLY A 185 -15.61 -28.25 -8.75
N GLN A 186 -15.26 -27.20 -9.49
CA GLN A 186 -15.92 -26.93 -10.78
C GLN A 186 -15.87 -28.13 -11.74
N SER A 187 -14.73 -28.83 -11.76
CA SER A 187 -14.58 -29.95 -12.67
C SER A 187 -15.38 -31.19 -12.24
N PHE A 188 -15.76 -31.32 -10.97
CA PHE A 188 -16.72 -32.35 -10.59
C PHE A 188 -18.10 -32.00 -11.12
N PHE A 189 -18.46 -30.72 -11.15
CA PHE A 189 -19.83 -30.40 -11.54
C PHE A 189 -20.00 -30.49 -13.06
N SER A 190 -18.94 -30.16 -13.80
CA SER A 190 -19.05 -30.04 -15.26
C SER A 190 -18.97 -31.37 -16.01
N GLU A 191 -19.92 -31.60 -16.90
CA GLU A 191 -19.91 -32.81 -17.73
C GLU A 191 -18.66 -32.86 -18.61
N HIS A 192 -18.09 -31.69 -18.91
CA HIS A 192 -16.92 -31.61 -19.77
C HIS A 192 -15.76 -32.38 -19.17
N SER A 193 -15.64 -32.31 -17.85
CA SER A 193 -14.44 -32.80 -17.15
C SER A 193 -14.73 -34.03 -16.31
N ASN A 194 -16.01 -34.25 -16.02
CA ASN A 194 -16.41 -35.35 -15.14
C ASN A 194 -17.08 -36.45 -15.94
N LYS A 195 -16.36 -37.54 -16.10
CA LYS A 195 -16.85 -38.69 -16.84
C LYS A 195 -16.99 -39.90 -15.93
N ARG A 196 -17.08 -39.67 -14.63
CA ARG A 196 -17.19 -40.75 -13.67
C ARG A 196 -18.49 -41.55 -13.79
N THR A 197 -18.40 -42.83 -13.45
CA THR A 197 -19.55 -43.72 -13.50
C THR A 197 -19.95 -44.22 -12.10
N ASP A 198 -19.36 -43.65 -11.05
CA ASP A 198 -19.79 -43.98 -9.69
C ASP A 198 -20.73 -42.93 -9.14
N ALA A 199 -20.84 -42.88 -7.82
CA ALA A 199 -21.73 -41.93 -7.15
C ALA A 199 -21.39 -40.46 -7.37
N TYR A 200 -20.20 -40.16 -7.93
CA TYR A 200 -19.74 -38.78 -8.05
C TYR A 200 -19.73 -38.28 -9.49
N GLY A 201 -20.42 -39.00 -10.36
CA GLY A 201 -20.55 -38.61 -11.74
C GLY A 201 -21.81 -39.16 -12.41
N GLY A 202 -22.12 -38.61 -13.58
CA GLY A 202 -23.34 -38.94 -14.31
C GLY A 202 -24.42 -37.91 -14.09
N SER A 203 -25.37 -38.26 -13.24
CA SER A 203 -26.53 -37.41 -13.03
C SER A 203 -26.13 -36.07 -12.41
N PHE A 204 -27.09 -35.16 -12.37
CA PHE A 204 -26.95 -33.90 -11.69
C PHE A 204 -26.63 -34.15 -10.21
N ASP A 205 -27.38 -35.02 -9.57
CA ASP A 205 -27.11 -35.34 -8.17
C ASP A 205 -25.69 -35.83 -7.93
N ASN A 206 -25.21 -36.72 -8.77
CA ASN A 206 -23.85 -37.25 -8.56
C ASN A 206 -22.78 -36.21 -8.86
N ARG A 207 -23.00 -35.37 -9.87
CA ARG A 207 -22.00 -34.35 -10.21
C ARG A 207 -21.95 -33.29 -9.14
N SER A 208 -23.09 -33.09 -8.49
CA SER A 208 -23.26 -32.17 -7.37
C SER A 208 -22.67 -32.68 -6.07
N ARG A 209 -22.56 -33.99 -5.96
CA ARG A 209 -22.23 -34.63 -4.69
C ARG A 209 -20.92 -34.13 -4.06
N PHE A 210 -19.85 -33.97 -4.84
CA PHE A 210 -18.57 -33.62 -4.19
C PHE A 210 -18.68 -32.23 -3.57
N LEU A 211 -19.33 -31.32 -4.29
CA LEU A 211 -19.49 -29.97 -3.81
C LEU A 211 -20.40 -29.88 -2.56
N LEU A 212 -21.56 -30.54 -2.60
CA LEU A 212 -22.51 -30.56 -1.48
C LEU A 212 -21.95 -31.26 -0.24
N GLU A 213 -21.25 -32.38 -0.43
CA GLU A 213 -20.64 -33.07 0.70
C GLU A 213 -19.48 -32.25 1.31
N THR A 214 -18.67 -31.59 0.48
CA THR A 214 -17.63 -30.70 0.97
C THR A 214 -18.25 -29.53 1.74
N LEU A 215 -19.25 -28.87 1.16
CA LEU A 215 -20.00 -27.84 1.88
C LEU A 215 -20.49 -28.32 3.24
N ALA A 216 -21.14 -29.49 3.25
CA ALA A 216 -21.72 -30.03 4.48
C ALA A 216 -20.62 -30.31 5.50
N ALA A 217 -19.49 -30.83 5.02
CA ALA A 217 -18.41 -31.18 5.94
C ALA A 217 -17.78 -29.93 6.52
N VAL A 218 -17.62 -28.89 5.70
CA VAL A 218 -17.05 -27.65 6.20
C VAL A 218 -18.02 -27.01 7.17
N ARG A 219 -19.31 -27.11 6.87
CA ARG A 219 -20.32 -26.46 7.69
C ARG A 219 -20.23 -26.90 9.15
N GLU A 220 -19.78 -28.13 9.35
CA GLU A 220 -19.65 -28.72 10.70
C GLU A 220 -18.59 -28.00 11.55
N VAL A 221 -17.52 -27.51 10.95
CA VAL A 221 -16.48 -26.88 11.74
C VAL A 221 -16.50 -25.35 11.66
N TRP A 222 -17.23 -24.79 10.70
CA TRP A 222 -17.20 -23.33 10.49
C TRP A 222 -18.32 -22.66 11.30
N PRO A 223 -18.00 -21.62 12.10
CA PRO A 223 -19.03 -21.07 13.00
C PRO A 223 -20.30 -20.66 12.30
N GLU A 224 -21.48 -20.92 12.89
CA GLU A 224 -22.75 -20.50 12.27
C GLU A 224 -22.86 -18.98 12.21
N ASN A 225 -22.19 -18.27 13.11
CA ASN A 225 -22.30 -16.81 13.11
C ASN A 225 -21.34 -16.10 12.15
N LEU A 226 -20.64 -16.85 11.30
CA LEU A 226 -19.71 -16.19 10.36
C LEU A 226 -20.09 -16.63 8.95
N PRO A 227 -20.09 -15.69 7.99
CA PRO A 227 -20.50 -16.05 6.64
C PRO A 227 -19.74 -17.22 6.03
N LEU A 228 -20.52 -18.17 5.51
CA LEU A 228 -20.03 -19.30 4.74
C LEU A 228 -20.41 -19.08 3.30
N THR A 229 -19.42 -18.96 2.43
CA THR A 229 -19.69 -18.60 1.06
C THR A 229 -18.92 -19.52 0.12
N ALA A 230 -19.27 -19.41 -1.15
CA ALA A 230 -18.59 -20.16 -2.18
C ALA A 230 -18.56 -19.33 -3.44
N ARG A 231 -17.57 -19.63 -4.26
CA ARG A 231 -17.52 -19.11 -5.60
C ARG A 231 -17.75 -20.28 -6.56
N PHE A 232 -18.62 -20.03 -7.54
CA PHE A 232 -19.07 -21.06 -8.48
C PHE A 232 -19.20 -20.45 -9.89
N GLY A 233 -18.68 -21.14 -10.91
CA GLY A 233 -18.90 -20.74 -12.27
C GLY A 233 -20.23 -21.28 -12.78
N VAL A 234 -21.15 -20.37 -13.08
CA VAL A 234 -22.53 -20.75 -13.35
C VAL A 234 -22.79 -20.97 -14.84
N LEU A 235 -21.85 -20.60 -15.70
CA LEU A 235 -21.94 -20.93 -17.11
C LEU A 235 -20.55 -20.86 -17.72
N GLU A 236 -20.40 -21.44 -18.91
CA GLU A 236 -19.08 -21.55 -19.52
C GLU A 236 -18.93 -20.77 -20.82
N TYR A 237 -20.03 -20.28 -21.41
CA TYR A 237 -19.99 -19.70 -22.77
C TYR A 237 -19.39 -20.71 -23.75
N ASP A 238 -19.89 -21.93 -23.61
CA ASP A 238 -19.55 -23.10 -24.41
C ASP A 238 -20.68 -23.52 -25.36
N GLY A 239 -21.64 -22.63 -25.60
CA GLY A 239 -22.82 -22.99 -26.37
C GLY A 239 -23.86 -23.85 -25.67
N ARG A 240 -23.71 -24.04 -24.36
CA ARG A 240 -24.62 -24.84 -23.54
C ARG A 240 -25.17 -24.00 -22.39
N ASP A 241 -25.26 -22.70 -22.64
CA ASP A 241 -25.43 -21.70 -21.59
C ASP A 241 -26.76 -21.80 -20.88
N GLU A 242 -27.86 -21.97 -21.60
CA GLU A 242 -29.13 -21.93 -20.91
C GLU A 242 -29.31 -23.18 -20.03
N GLN A 243 -28.95 -24.35 -20.54
CA GLN A 243 -29.03 -25.59 -19.77
C GLN A 243 -28.07 -25.55 -18.57
N THR A 244 -26.87 -25.04 -18.82
CA THR A 244 -25.85 -24.99 -17.76
C THR A 244 -26.32 -24.04 -16.68
N LEU A 245 -26.78 -22.87 -17.09
CA LEU A 245 -27.25 -21.90 -16.12
C LEU A 245 -28.40 -22.44 -15.28
N GLU A 246 -29.38 -23.08 -15.91
CA GLU A 246 -30.54 -23.62 -15.19
C GLU A 246 -30.10 -24.64 -14.12
N GLU A 247 -29.19 -25.53 -14.49
CA GLU A 247 -28.59 -26.49 -13.54
C GLU A 247 -27.80 -25.84 -12.40
N SER A 248 -27.00 -24.83 -12.76
CA SER A 248 -26.18 -24.11 -11.79
C SER A 248 -27.02 -23.40 -10.74
N ILE A 249 -28.15 -22.84 -11.18
CA ILE A 249 -29.10 -22.19 -10.26
C ILE A 249 -29.81 -23.21 -9.35
N GLU A 250 -30.12 -24.38 -9.86
CA GLU A 250 -30.65 -25.43 -8.97
C GLU A 250 -29.61 -25.86 -7.91
N LEU A 251 -28.34 -25.97 -8.30
CA LEU A 251 -27.31 -26.33 -7.31
C LEU A 251 -27.18 -25.20 -6.29
N ALA A 252 -27.25 -23.94 -6.73
CA ALA A 252 -27.22 -22.84 -5.77
C ALA A 252 -28.41 -22.88 -4.79
N ARG A 253 -29.58 -23.32 -5.27
CA ARG A 253 -30.72 -23.57 -4.37
C ARG A 253 -30.33 -24.61 -3.35
N ARG A 254 -29.57 -25.61 -3.79
CA ARG A 254 -29.13 -26.67 -2.88
C ARG A 254 -28.02 -26.21 -1.91
N PHE A 255 -27.10 -25.34 -2.37
CA PHE A 255 -26.16 -24.66 -1.47
C PHE A 255 -26.90 -23.90 -0.36
N LYS A 256 -27.90 -23.13 -0.74
CA LYS A 256 -28.71 -22.40 0.24
C LYS A 256 -29.33 -23.35 1.29
N ALA A 257 -29.98 -24.42 0.82
CA ALA A 257 -30.53 -25.44 1.74
C ALA A 257 -29.46 -26.01 2.66
N GLY A 258 -28.23 -26.04 2.16
CA GLY A 258 -27.08 -26.52 2.94
C GLY A 258 -26.37 -25.46 3.77
N GLY A 259 -26.94 -24.26 3.87
CA GLY A 259 -26.42 -23.24 4.78
C GLY A 259 -25.46 -22.21 4.20
N LEU A 260 -25.35 -22.16 2.88
CA LEU A 260 -24.52 -21.14 2.23
C LEU A 260 -25.14 -19.78 2.45
N ASP A 261 -24.31 -18.77 2.79
CA ASP A 261 -24.81 -17.43 3.10
C ASP A 261 -24.76 -16.48 1.91
N LEU A 262 -23.82 -16.72 1.00
CA LEU A 262 -23.59 -15.84 -0.14
C LEU A 262 -22.87 -16.61 -1.22
N LEU A 263 -23.19 -16.31 -2.47
CA LEU A 263 -22.54 -16.93 -3.61
C LEU A 263 -21.81 -15.91 -4.47
N SER A 264 -20.54 -16.14 -4.69
CA SER A 264 -19.76 -15.33 -5.59
C SER A 264 -19.92 -15.94 -6.95
N VAL A 265 -20.58 -15.20 -7.85
CA VAL A 265 -20.99 -15.71 -9.16
C VAL A 265 -19.91 -15.45 -10.22
N SER A 266 -19.45 -16.51 -10.86
CA SER A 266 -18.41 -16.37 -11.85
C SER A 266 -18.62 -17.23 -13.09
N VAL A 267 -17.55 -17.39 -13.86
CA VAL A 267 -17.56 -18.22 -15.07
C VAL A 267 -16.82 -19.54 -14.77
N GLY A 268 -17.17 -20.61 -15.48
CA GLY A 268 -16.57 -21.92 -15.24
C GLY A 268 -15.09 -22.06 -15.58
N PHE A 269 -14.69 -21.44 -16.69
CA PHE A 269 -13.36 -21.67 -17.26
C PHE A 269 -12.95 -23.15 -17.27
N THR A 270 -13.90 -24.07 -17.48
CA THR A 270 -13.62 -25.50 -17.33
C THR A 270 -12.77 -26.08 -18.48
N ILE A 271 -13.02 -25.57 -19.68
CA ILE A 271 -12.36 -25.98 -20.93
C ILE A 271 -11.92 -24.73 -21.69
N PRO A 272 -10.94 -24.89 -22.60
CA PRO A 272 -10.49 -23.68 -23.32
C PRO A 272 -11.38 -23.25 -24.51
N GLU A 273 -12.16 -24.17 -25.04
CA GLU A 273 -12.99 -23.93 -26.23
C GLU A 273 -14.28 -23.14 -25.93
N THR A 274 -14.12 -21.86 -25.59
CA THR A 274 -15.24 -21.03 -25.18
C THR A 274 -15.21 -19.67 -25.86
N ASN A 275 -16.31 -18.93 -25.75
CA ASN A 275 -16.35 -17.58 -26.29
C ASN A 275 -16.92 -16.62 -25.25
N ILE A 276 -16.05 -16.19 -24.34
CA ILE A 276 -16.49 -15.38 -23.22
C ILE A 276 -16.60 -13.92 -23.65
N PRO A 277 -17.80 -13.32 -23.52
CA PRO A 277 -17.98 -11.93 -23.99
C PRO A 277 -17.51 -10.87 -23.01
N TRP A 278 -16.20 -10.83 -22.76
CA TRP A 278 -15.60 -9.85 -21.86
C TRP A 278 -16.11 -8.44 -22.14
N GLY A 279 -16.40 -7.71 -21.08
CA GLY A 279 -16.72 -6.31 -21.22
C GLY A 279 -17.14 -5.75 -19.89
N PRO A 280 -17.39 -4.45 -19.85
CA PRO A 280 -17.68 -3.78 -18.58
C PRO A 280 -18.94 -4.34 -17.93
N ALA A 281 -18.82 -4.79 -16.70
CA ALA A 281 -19.96 -5.31 -15.93
C ALA A 281 -20.76 -6.42 -16.65
N PHE A 282 -20.10 -7.30 -17.40
CA PHE A 282 -20.87 -8.16 -18.27
C PHE A 282 -21.60 -9.23 -17.46
N MET A 283 -21.14 -9.51 -16.25
CA MET A 283 -21.76 -10.51 -15.40
C MET A 283 -22.99 -10.00 -14.63
N GLY A 284 -23.27 -8.71 -14.71
CA GLY A 284 -24.34 -8.11 -13.94
C GLY A 284 -25.67 -8.85 -14.03
N PRO A 285 -26.16 -9.07 -15.26
CA PRO A 285 -27.43 -9.77 -15.53
C PRO A 285 -27.50 -11.25 -15.12
N ILE A 286 -26.38 -11.94 -15.25
CA ILE A 286 -26.25 -13.33 -14.82
C ILE A 286 -26.34 -13.36 -13.30
N ALA A 287 -25.52 -12.53 -12.65
CA ALA A 287 -25.52 -12.41 -11.19
C ALA A 287 -26.92 -12.12 -10.64
N GLU A 288 -27.64 -11.20 -11.31
CA GLU A 288 -28.99 -10.78 -10.91
C GLU A 288 -29.93 -12.00 -10.99
N ARG A 289 -29.79 -12.77 -12.08
CA ARG A 289 -30.70 -13.89 -12.30
C ARG A 289 -30.47 -14.89 -11.20
N VAL A 290 -29.20 -15.15 -10.88
CA VAL A 290 -28.86 -16.13 -9.83
C VAL A 290 -29.42 -15.66 -8.50
N ARG A 291 -29.24 -14.37 -8.23
CA ARG A 291 -29.70 -13.79 -6.97
C ARG A 291 -31.19 -13.96 -6.78
N ARG A 292 -31.92 -13.66 -7.86
CA ARG A 292 -33.39 -13.61 -7.86
C ARG A 292 -34.00 -15.01 -7.82
N GLU A 293 -33.45 -15.88 -8.67
CA GLU A 293 -33.99 -17.22 -8.81
C GLU A 293 -33.56 -18.13 -7.68
N ALA A 294 -32.32 -18.01 -7.18
CA ALA A 294 -31.92 -18.87 -6.06
C ALA A 294 -32.17 -18.23 -4.71
N LYS A 295 -32.54 -16.96 -4.68
CA LYS A 295 -32.85 -16.28 -3.42
C LYS A 295 -31.67 -16.30 -2.45
N LEU A 296 -30.52 -15.95 -2.98
CA LEU A 296 -29.27 -15.96 -2.24
C LEU A 296 -28.52 -14.66 -2.54
N PRO A 297 -27.95 -14.00 -1.51
CA PRO A 297 -27.12 -12.82 -1.80
C PRO A 297 -25.97 -13.22 -2.70
N VAL A 298 -25.46 -12.29 -3.49
CA VAL A 298 -24.40 -12.64 -4.39
C VAL A 298 -23.36 -11.50 -4.47
N THR A 299 -22.15 -11.84 -4.85
CA THR A 299 -21.26 -10.84 -5.44
C THR A 299 -20.82 -11.30 -6.84
N SER A 300 -20.10 -10.42 -7.53
CA SER A 300 -19.43 -10.81 -8.76
C SER A 300 -18.37 -9.79 -9.14
N ALA A 301 -17.71 -10.04 -10.26
CA ALA A 301 -16.50 -9.33 -10.61
C ALA A 301 -16.40 -9.21 -12.15
N TRP A 302 -15.16 -9.01 -12.61
N TRP A 302 -15.20 -8.92 -12.65
CA TRP A 302 -14.80 -8.58 -13.95
CA TRP A 302 -14.91 -8.98 -14.08
C TRP A 302 -15.50 -7.29 -14.32
C TRP A 302 -15.44 -7.75 -14.81
N GLY A 303 -14.70 -6.27 -14.57
N GLY A 303 -14.99 -6.57 -14.39
CA GLY A 303 -15.22 -5.05 -15.16
CA GLY A 303 -15.32 -5.34 -15.10
C GLY A 303 -16.33 -4.39 -14.39
C GLY A 303 -15.85 -4.20 -14.25
N PHE A 304 -16.35 -4.53 -13.06
CA PHE A 304 -17.11 -3.57 -12.24
C PHE A 304 -16.20 -2.52 -11.63
N GLY A 305 -14.92 -2.53 -12.02
CA GLY A 305 -13.95 -1.65 -11.39
C GLY A 305 -13.93 -0.19 -11.83
N THR A 306 -15.11 0.39 -11.95
CA THR A 306 -15.31 1.79 -12.26
C THR A 306 -16.30 2.22 -11.21
N PRO A 307 -16.17 3.44 -10.67
CA PRO A 307 -17.09 3.68 -9.56
C PRO A 307 -18.57 3.72 -9.98
N GLN A 308 -18.88 4.23 -11.18
CA GLN A 308 -20.27 4.36 -11.61
C GLN A 308 -20.86 2.95 -11.95
N LEU A 309 -20.02 2.00 -12.34
CA LEU A 309 -20.48 0.66 -12.68
C LEU A 309 -20.80 -0.15 -11.41
N ALA A 310 -19.96 0.03 -10.39
CA ALA A 310 -20.21 -0.60 -9.10
C ALA A 310 -21.54 -0.10 -8.50
N GLU A 311 -21.75 1.21 -8.55
CA GLU A 311 -22.91 1.87 -7.95
C GLU A 311 -24.17 1.44 -8.66
N ALA A 312 -24.09 1.43 -9.99
CA ALA A 312 -25.21 1.01 -10.81
C ALA A 312 -25.68 -0.40 -10.50
N ALA A 313 -24.74 -1.35 -10.46
CA ALA A 313 -25.07 -2.74 -10.16
C ALA A 313 -25.83 -2.87 -8.85
N LEU A 314 -25.38 -2.15 -7.83
CA LEU A 314 -26.02 -2.20 -6.52
C LEU A 314 -27.43 -1.63 -6.56
N GLN A 315 -27.59 -0.48 -7.20
CA GLN A 315 -28.89 0.17 -7.23
C GLN A 315 -29.92 -0.66 -7.98
N ALA A 316 -29.48 -1.48 -8.92
CA ALA A 316 -30.36 -2.31 -9.72
C ALA A 316 -30.59 -3.67 -9.03
N ASN A 317 -30.07 -3.78 -7.82
CA ASN A 317 -30.10 -5.02 -7.07
C ASN A 317 -29.62 -6.23 -7.86
N GLN A 318 -28.62 -6.02 -8.70
CA GLN A 318 -27.97 -7.12 -9.38
C GLN A 318 -27.02 -7.86 -8.45
N LEU A 319 -26.47 -7.14 -7.47
CA LEU A 319 -25.43 -7.65 -6.56
C LEU A 319 -25.70 -7.15 -5.15
N ASP A 320 -25.14 -7.80 -4.13
CA ASP A 320 -25.13 -7.25 -2.77
C ASP A 320 -23.78 -6.64 -2.37
N LEU A 321 -22.70 -7.21 -2.92
CA LEU A 321 -21.38 -6.65 -2.82
C LEU A 321 -20.81 -6.56 -4.23
N VAL A 322 -19.93 -5.61 -4.44
CA VAL A 322 -19.19 -5.50 -5.70
C VAL A 322 -17.75 -5.86 -5.45
N SER A 323 -17.29 -6.92 -6.12
CA SER A 323 -15.88 -7.28 -6.09
C SER A 323 -15.05 -6.52 -7.12
N VAL A 324 -13.98 -5.87 -6.62
CA VAL A 324 -13.10 -5.02 -7.42
C VAL A 324 -11.68 -5.50 -7.20
N GLY A 325 -11.15 -6.19 -8.20
CA GLY A 325 -9.83 -6.79 -8.09
C GLY A 325 -8.69 -5.97 -8.67
N ARG A 326 -8.51 -6.06 -9.97
CA ARG A 326 -7.36 -5.45 -10.61
C ARG A 326 -7.24 -3.96 -10.30
N ALA A 327 -8.35 -3.23 -10.12
CA ALA A 327 -8.22 -1.79 -9.83
C ALA A 327 -7.52 -1.55 -8.48
N HIS A 328 -7.58 -2.54 -7.57
CA HIS A 328 -6.85 -2.48 -6.28
C HIS A 328 -5.38 -2.86 -6.42
N LEU A 329 -5.02 -3.61 -7.46
CA LEU A 329 -3.63 -3.88 -7.76
C LEU A 329 -2.96 -2.58 -8.23
N ALA A 330 -3.67 -1.90 -9.12
CA ALA A 330 -3.26 -0.59 -9.61
C ALA A 330 -3.21 0.47 -8.52
N ASP A 331 -4.24 0.52 -7.68
CA ASP A 331 -4.33 1.50 -6.60
C ASP A 331 -4.88 0.85 -5.33
N PRO A 332 -4.02 0.57 -4.34
CA PRO A 332 -4.57 -0.09 -3.15
C PRO A 332 -5.56 0.80 -2.38
N HIS A 333 -5.63 2.08 -2.74
CA HIS A 333 -6.59 2.99 -2.11
C HIS A 333 -7.80 3.24 -2.99
N TRP A 334 -8.07 2.29 -3.86
CA TRP A 334 -9.20 2.46 -4.82
C TRP A 334 -10.51 2.80 -4.14
N ALA A 335 -10.81 2.24 -2.96
CA ALA A 335 -12.06 2.59 -2.28
C ALA A 335 -12.19 4.10 -2.04
N TYR A 336 -11.06 4.75 -1.75
CA TYR A 336 -11.01 6.19 -1.55
C TYR A 336 -11.25 6.91 -2.86
N PHE A 337 -10.63 6.42 -3.93
CA PHE A 337 -10.89 7.00 -5.26
C PHE A 337 -12.40 6.94 -5.60
N ALA A 338 -13.02 5.77 -5.44
CA ALA A 338 -14.47 5.61 -5.62
C ALA A 338 -15.32 6.53 -4.74
N ALA A 339 -14.94 6.70 -3.49
CA ALA A 339 -15.73 7.58 -2.62
C ALA A 339 -15.69 9.02 -3.13
N LYS A 340 -14.52 9.45 -3.61
CA LYS A 340 -14.36 10.80 -4.16
C LYS A 340 -15.17 10.95 -5.45
N GLU A 341 -15.03 9.98 -6.33
CA GLU A 341 -15.81 9.95 -7.57
C GLU A 341 -17.32 10.01 -7.39
N LEU A 342 -17.84 9.32 -6.39
CA LEU A 342 -19.29 9.26 -6.19
C LEU A 342 -19.80 10.34 -5.23
N GLY A 343 -18.92 11.26 -4.84
CA GLY A 343 -19.33 12.42 -4.06
C GLY A 343 -19.69 12.10 -2.63
N VAL A 344 -19.13 11.02 -2.09
CA VAL A 344 -19.35 10.69 -0.70
C VAL A 344 -18.90 11.86 0.16
N GLU A 345 -19.65 12.13 1.21
CA GLU A 345 -19.29 13.18 2.15
C GLU A 345 -18.07 12.75 2.97
N LYS A 346 -17.17 13.71 3.18
CA LYS A 346 -15.89 13.46 3.87
C LYS A 346 -15.23 12.22 3.30
N ALA A 347 -15.12 12.20 1.98
CA ALA A 347 -14.62 11.05 1.26
C ALA A 347 -13.18 10.68 1.65
N SER A 348 -12.35 11.66 1.95
CA SER A 348 -10.98 11.33 2.32
C SER A 348 -10.93 10.44 3.57
N TRP A 349 -11.96 10.48 4.43
CA TRP A 349 -11.94 9.68 5.66
C TRP A 349 -12.38 8.22 5.44
N THR A 350 -12.50 7.79 4.18
CA THR A 350 -12.49 6.37 3.90
C THR A 350 -11.09 5.79 4.24
N LEU A 351 -10.06 6.67 4.21
CA LEU A 351 -8.69 6.35 4.63
C LEU A 351 -8.45 6.66 6.10
N PRO A 352 -7.44 6.02 6.69
CA PRO A 352 -7.10 6.36 8.07
C PRO A 352 -6.59 7.81 8.23
N ALA A 353 -6.67 8.33 9.44
CA ALA A 353 -6.37 9.73 9.72
C ALA A 353 -5.04 10.29 9.15
N PRO A 354 -3.93 9.54 9.20
CA PRO A 354 -2.68 10.21 8.77
C PRO A 354 -2.66 10.60 7.27
N TYR A 355 -3.62 10.02 6.56
CA TYR A 355 -3.90 10.32 5.17
C TYR A 355 -5.11 11.25 5.07
N ALA A 356 -6.24 10.86 5.68
CA ALA A 356 -7.50 11.60 5.52
C ALA A 356 -7.39 13.07 5.90
N HIS A 357 -6.72 13.37 7.00
CA HIS A 357 -6.58 14.79 7.42
C HIS A 357 -6.07 15.67 6.29
N TRP A 358 -5.08 15.18 5.56
CA TRP A 358 -4.37 15.97 4.59
C TRP A 358 -5.05 16.00 3.22
N LEU A 359 -5.88 15.01 2.93
CA LEU A 359 -6.52 14.91 1.63
C LEU A 359 -7.90 15.58 1.61
N GLU A 360 -8.44 15.94 2.77
CA GLU A 360 -9.81 16.48 2.79
C GLU A 360 -9.87 17.86 2.16
N SER B 2 10.67 9.52 -21.26
CA SER B 2 10.20 10.50 -20.28
C SER B 2 11.33 10.95 -19.34
N ALA B 3 11.51 12.26 -19.16
CA ALA B 3 12.52 12.77 -18.23
C ALA B 3 12.25 12.23 -16.82
N LEU B 4 10.98 12.19 -16.45
CA LEU B 4 10.58 11.71 -15.13
C LEU B 4 11.05 10.28 -14.83
N PHE B 5 11.21 9.45 -15.87
CA PHE B 5 11.58 8.05 -15.67
C PHE B 5 12.99 7.74 -16.14
N GLU B 6 13.83 8.78 -16.20
CA GLU B 6 15.28 8.63 -16.32
C GLU B 6 15.93 8.37 -14.95
N PRO B 7 16.91 7.45 -14.87
CA PRO B 7 17.68 7.24 -13.64
C PRO B 7 18.47 8.48 -13.23
N TYR B 8 18.88 8.51 -11.98
CA TYR B 8 19.68 9.60 -11.45
C TYR B 8 20.76 9.03 -10.55
N THR B 9 21.99 9.50 -10.73
CA THR B 9 23.11 9.07 -9.91
C THR B 9 23.72 10.24 -9.15
N LEU B 10 23.90 10.03 -7.85
CA LEU B 10 24.52 11.01 -6.98
C LEU B 10 25.37 10.21 -5.98
N LYS B 11 26.63 10.60 -5.89
CA LYS B 11 27.65 9.79 -5.21
C LYS B 11 27.48 8.33 -5.67
N ASP B 12 27.41 7.36 -4.75
CA ASP B 12 27.36 5.94 -5.16
C ASP B 12 25.93 5.43 -5.34
N VAL B 13 24.97 6.32 -5.19
CA VAL B 13 23.56 5.97 -5.22
C VAL B 13 22.96 6.22 -6.60
N THR B 14 22.22 5.23 -7.13
CA THR B 14 21.45 5.43 -8.34
C THR B 14 19.97 5.20 -8.08
N LEU B 15 19.16 6.18 -8.45
CA LEU B 15 17.71 6.12 -8.34
C LEU B 15 17.15 5.67 -9.67
N ARG B 16 16.16 4.77 -9.66
CA ARG B 16 15.63 4.21 -10.92
C ARG B 16 14.80 5.21 -11.72
N ASN B 17 14.35 6.29 -11.07
CA ASN B 17 13.68 7.38 -11.79
C ASN B 17 13.78 8.70 -11.01
N ARG B 18 13.12 9.76 -11.46
CA ARG B 18 13.29 11.07 -10.82
C ARG B 18 12.14 11.42 -9.85
N ILE B 19 11.36 10.42 -9.47
CA ILE B 19 10.25 10.60 -8.52
C ILE B 19 10.77 10.33 -7.13
N ALA B 20 10.70 11.35 -6.29
CA ALA B 20 11.08 11.19 -4.89
C ALA B 20 9.84 11.34 -4.03
N ILE B 21 9.79 10.54 -2.97
CA ILE B 21 8.74 10.71 -2.00
C ILE B 21 9.35 11.54 -0.89
N PRO B 22 8.88 12.77 -0.71
CA PRO B 22 9.44 13.60 0.36
C PRO B 22 9.02 13.10 1.75
N PRO B 23 9.73 13.59 2.76
CA PRO B 23 9.36 13.27 4.14
C PRO B 23 7.95 13.76 4.44
N MET B 24 7.12 12.84 4.96
CA MET B 24 5.76 13.13 5.41
C MET B 24 5.47 12.45 6.75
N CYS B 25 5.50 13.27 7.80
CA CYS B 25 5.09 12.89 9.15
C CYS B 25 3.77 12.11 9.23
N GLN B 26 3.76 11.02 9.99
CA GLN B 26 2.61 10.14 10.09
C GLN B 26 1.92 10.25 11.44
N TYR B 27 2.66 10.78 12.39
CA TYR B 27 2.17 11.02 13.75
C TYR B 27 1.64 9.76 14.42
N MET B 28 2.29 8.61 14.16
CA MET B 28 1.79 7.30 14.64
C MET B 28 2.81 6.56 15.51
N ALA B 29 3.92 7.23 15.81
CA ALA B 29 4.93 6.63 16.63
C ALA B 29 4.54 6.76 18.11
N GLU B 30 5.15 5.95 18.95
CA GLU B 30 4.95 6.02 20.39
C GLU B 30 6.29 6.16 21.10
N ASP B 31 6.46 7.23 21.85
CA ASP B 31 7.73 7.52 22.49
C ASP B 31 8.89 7.46 21.47
N GLY B 32 8.62 7.97 20.27
CA GLY B 32 9.61 7.98 19.20
C GLY B 32 9.75 6.69 18.40
N LEU B 33 9.21 5.57 18.90
CA LEU B 33 9.39 4.25 18.28
C LEU B 33 8.36 4.03 17.18
N ILE B 34 8.82 3.75 15.95
CA ILE B 34 7.91 3.48 14.84
C ILE B 34 7.35 2.06 15.00
N ASN B 35 6.37 1.69 14.18
CA ASN B 35 5.70 0.42 14.37
C ASN B 35 5.07 -0.08 13.07
N ASP B 36 4.09 -0.97 13.19
CA ASP B 36 3.44 -1.58 12.02
C ASP B 36 2.79 -0.57 11.08
N TRP B 37 2.34 0.58 11.60
CA TRP B 37 1.80 1.62 10.74
C TRP B 37 2.83 2.03 9.67
N HIS B 38 4.03 2.40 10.14
CA HIS B 38 5.10 2.81 9.23
C HIS B 38 5.61 1.70 8.34
N GLN B 39 5.69 0.47 8.87
CA GLN B 39 6.25 -0.63 8.08
C GLN B 39 5.50 -0.77 6.76
N VAL B 40 4.18 -0.78 6.85
CA VAL B 40 3.29 -0.99 5.69
C VAL B 40 3.26 0.26 4.83
N HIS B 41 3.09 1.39 5.50
CA HIS B 41 3.08 2.70 4.82
C HIS B 41 4.29 2.86 3.90
N TYR B 42 5.51 2.68 4.44
CA TYR B 42 6.70 2.92 3.62
C TYR B 42 6.94 1.81 2.62
N ALA B 43 6.67 0.55 2.99
CA ALA B 43 6.93 -0.54 2.05
C ALA B 43 5.97 -0.48 0.85
N SER B 44 4.74 -0.06 1.10
CA SER B 44 3.73 -0.02 0.02
C SER B 44 4.10 1.08 -0.97
N MET B 45 4.50 2.24 -0.44
CA MET B 45 4.86 3.34 -1.33
C MET B 45 6.08 3.00 -2.18
N ALA B 46 7.05 2.29 -1.59
CA ALA B 46 8.28 1.91 -2.30
C ALA B 46 7.96 0.95 -3.45
N ARG B 47 7.06 0.01 -3.18
CA ARG B 47 6.58 -0.92 -4.21
C ARG B 47 5.85 -0.22 -5.35
N GLY B 48 5.26 0.93 -5.04
CA GLY B 48 4.60 1.74 -6.02
C GLY B 48 5.46 2.28 -7.16
N GLY B 49 6.79 2.30 -6.98
CA GLY B 49 7.71 2.63 -8.07
C GLY B 49 8.67 3.80 -7.88
N ALA B 50 8.41 4.62 -6.88
CA ALA B 50 9.21 5.82 -6.70
C ALA B 50 10.68 5.44 -6.53
N GLY B 51 11.58 6.18 -7.16
CA GLY B 51 13.00 5.90 -7.05
C GLY B 51 13.62 6.16 -5.68
N LEU B 52 13.04 7.08 -4.92
CA LEU B 52 13.63 7.51 -3.66
C LEU B 52 12.48 7.74 -2.69
N LEU B 53 12.65 7.26 -1.46
CA LEU B 53 11.65 7.43 -0.40
C LEU B 53 12.40 7.95 0.86
N VAL B 54 12.25 9.23 1.15
CA VAL B 54 12.84 9.81 2.36
C VAL B 54 11.84 9.69 3.52
N VAL B 55 12.26 9.00 4.58
CA VAL B 55 11.42 8.77 5.76
C VAL B 55 11.17 10.14 6.43
N GLU B 56 9.96 10.27 6.98
CA GLU B 56 9.49 11.47 7.66
C GLU B 56 10.48 12.07 8.66
N ALA B 57 10.25 13.33 8.99
CA ALA B 57 11.04 14.03 10.01
C ALA B 57 11.17 13.21 11.27
N THR B 58 12.40 12.83 11.58
CA THR B 58 12.69 11.98 12.71
C THR B 58 13.56 12.79 13.69
N ALA B 59 13.04 12.95 14.91
CA ALA B 59 13.64 13.83 15.92
C ALA B 59 14.98 13.34 16.47
N VAL B 60 15.97 14.26 16.57
CA VAL B 60 17.33 13.93 17.05
C VAL B 60 17.36 13.88 18.56
N ALA B 61 16.28 14.38 19.16
CA ALA B 61 16.15 14.49 20.62
C ALA B 61 14.66 14.56 20.97
N PRO B 62 14.28 14.06 22.16
CA PRO B 62 12.86 13.98 22.56
C PRO B 62 12.14 15.29 22.40
N GLU B 63 12.77 16.38 22.85
CA GLU B 63 12.11 17.67 22.82
C GLU B 63 12.06 18.22 21.42
N GLY B 64 12.76 17.55 20.50
CA GLY B 64 12.80 17.94 19.10
C GLY B 64 11.66 17.39 18.27
N ARG B 65 10.85 16.51 18.85
CA ARG B 65 9.62 16.07 18.19
C ARG B 65 8.64 17.20 18.04
N ILE B 66 7.84 17.18 16.96
CA ILE B 66 6.74 18.14 16.85
C ILE B 66 5.62 17.74 17.84
N THR B 67 5.32 16.44 17.87
CA THR B 67 4.18 15.91 18.63
C THR B 67 4.50 14.62 19.37
N PRO B 68 3.57 14.15 20.20
CA PRO B 68 3.84 12.88 20.88
C PRO B 68 3.76 11.69 19.95
N GLY B 69 3.36 11.91 18.70
CA GLY B 69 3.37 10.84 17.71
C GLY B 69 4.55 10.81 16.76
N CYS B 70 5.53 11.70 16.94
CA CYS B 70 6.64 11.81 15.98
C CYS B 70 7.69 10.74 16.22
N ALA B 71 8.26 10.26 15.12
CA ALA B 71 9.33 9.32 15.13
C ALA B 71 10.59 9.96 15.73
N GLY B 72 11.41 9.14 16.36
CA GLY B 72 12.67 9.57 16.96
C GLY B 72 13.82 8.66 16.59
N ILE B 73 15.05 9.19 16.67
CA ILE B 73 16.25 8.41 16.44
C ILE B 73 17.31 8.81 17.48
N TRP B 74 16.84 9.15 18.68
CA TRP B 74 17.72 9.73 19.71
C TRP B 74 18.39 8.67 20.56
N SER B 75 18.17 7.41 20.22
CA SER B 75 18.81 6.28 20.90
C SER B 75 19.01 5.11 19.94
N ASP B 76 19.91 4.20 20.29
CA ASP B 76 20.17 3.07 19.42
C ASP B 76 18.93 2.14 19.23
N ALA B 77 18.07 1.99 20.25
CA ALA B 77 16.89 1.16 20.05
C ALA B 77 15.96 1.82 19.05
N HIS B 78 15.89 3.15 19.08
CA HIS B 78 15.04 3.88 18.15
C HIS B 78 15.51 3.61 16.74
N ALA B 79 16.84 3.69 16.54
CA ALA B 79 17.45 3.44 15.24
C ALA B 79 17.27 1.98 14.76
N GLN B 80 17.32 1.02 15.66
CA GLN B 80 17.10 -0.38 15.29
C GLN B 80 15.66 -0.63 14.76
N ALA B 81 14.69 0.14 15.25
CA ALA B 81 13.31 0.03 14.78
C ALA B 81 13.21 0.33 13.28
N PHE B 82 14.13 1.16 12.79
CA PHE B 82 14.07 1.59 11.40
C PHE B 82 14.59 0.54 10.45
N VAL B 83 15.32 -0.47 10.94
CA VAL B 83 16.01 -1.40 10.04
C VAL B 83 15.06 -2.15 9.09
N PRO B 84 13.95 -2.77 9.60
CA PRO B 84 12.98 -3.40 8.69
C PRO B 84 12.36 -2.45 7.64
N VAL B 85 12.20 -1.18 8.01
CA VAL B 85 11.71 -0.17 7.08
C VAL B 85 12.74 0.05 5.94
N VAL B 86 13.98 0.35 6.31
CA VAL B 86 15.09 0.40 5.38
C VAL B 86 15.13 -0.80 4.46
N GLN B 87 15.11 -2.00 5.02
CA GLN B 87 15.26 -3.23 4.22
C GLN B 87 14.06 -3.46 3.30
N ALA B 88 12.88 -3.04 3.76
CA ALA B 88 11.65 -3.17 2.95
C ALA B 88 11.64 -2.21 1.73
N ILE B 89 12.13 -1.00 1.92
CA ILE B 89 12.28 -0.02 0.86
C ILE B 89 13.28 -0.52 -0.17
N LYS B 90 14.42 -1.02 0.30
CA LYS B 90 15.45 -1.54 -0.63
C LYS B 90 14.92 -2.71 -1.42
N ALA B 91 14.19 -3.61 -0.74
CA ALA B 91 13.65 -4.83 -1.36
C ALA B 91 12.74 -4.52 -2.53
N ALA B 92 11.99 -3.41 -2.43
CA ALA B 92 11.14 -2.97 -3.54
C ALA B 92 11.92 -2.24 -4.64
N GLY B 93 13.24 -2.09 -4.52
CA GLY B 93 14.04 -1.39 -5.52
C GLY B 93 14.06 0.14 -5.43
N SER B 94 13.55 0.68 -4.33
CA SER B 94 13.60 2.11 -4.07
C SER B 94 14.83 2.36 -3.19
N VAL B 95 15.26 3.60 -3.08
CA VAL B 95 16.38 3.94 -2.21
C VAL B 95 15.85 4.50 -0.89
N PRO B 96 16.31 3.98 0.26
CA PRO B 96 15.84 4.54 1.53
C PRO B 96 16.59 5.80 1.98
N GLY B 97 15.85 6.89 2.24
CA GLY B 97 16.43 8.09 2.81
C GLY B 97 15.80 8.37 4.17
N ILE B 98 16.41 9.24 4.96
CA ILE B 98 15.74 9.76 6.13
C ILE B 98 16.09 11.24 6.35
N GLN B 99 15.08 11.97 6.81
CA GLN B 99 15.20 13.34 7.25
C GLN B 99 15.32 13.35 8.77
N ILE B 100 16.41 13.95 9.28
CA ILE B 100 16.57 14.13 10.71
C ILE B 100 16.35 15.59 11.06
N ALA B 101 15.75 15.79 12.22
CA ALA B 101 15.05 17.02 12.51
C ALA B 101 15.04 17.39 13.98
N HIS B 102 14.81 18.67 14.23
CA HIS B 102 14.52 19.21 15.55
C HIS B 102 13.52 20.35 15.41
N ALA B 103 12.32 20.16 15.96
CA ALA B 103 11.19 21.10 15.73
C ALA B 103 11.31 22.49 16.38
N GLY B 104 12.29 22.68 17.24
CA GLY B 104 12.52 24.00 17.81
C GLY B 104 11.27 24.56 18.49
N ARG B 105 10.89 25.79 18.20
CA ARG B 105 9.80 26.40 18.95
C ARG B 105 8.43 25.84 18.54
N LYS B 106 8.39 25.08 17.44
CA LYS B 106 7.15 24.40 17.04
C LYS B 106 6.94 23.03 17.69
N ALA B 107 7.84 22.63 18.60
CA ALA B 107 7.69 21.36 19.28
C ALA B 107 6.54 21.43 20.29
N SER B 108 6.25 20.27 20.88
CA SER B 108 5.18 20.10 21.89
C SER B 108 3.81 20.55 21.36
N ALA B 109 3.43 20.01 20.21
CA ALA B 109 2.13 20.33 19.62
C ALA B 109 1.28 19.07 19.48
N ASN B 110 -0.04 19.28 19.38
CA ASN B 110 -0.99 18.20 19.12
C ASN B 110 -0.85 17.70 17.68
N ARG B 111 -1.20 16.43 17.47
CA ARG B 111 -1.37 15.88 16.13
C ARG B 111 -2.32 16.78 15.32
N PRO B 112 -2.09 16.88 14.00
CA PRO B 112 -2.87 17.82 13.18
C PRO B 112 -4.39 17.62 13.26
N TRP B 113 -4.85 16.39 13.41
CA TRP B 113 -6.28 16.09 13.44
C TRP B 113 -6.80 16.05 14.88
N GLU B 114 -5.96 16.45 15.83
CA GLU B 114 -6.35 16.52 17.23
C GLU B 114 -6.06 17.95 17.73
N GLY B 115 -6.26 18.92 16.85
CA GLY B 115 -6.13 20.33 17.22
C GLY B 115 -4.98 21.07 16.57
N ASP B 116 -3.88 20.37 16.30
CA ASP B 116 -2.78 20.96 15.54
C ASP B 116 -2.13 22.18 16.26
N ASP B 117 -2.43 22.34 17.54
CA ASP B 117 -2.02 23.52 18.30
C ASP B 117 -1.04 23.12 19.40
N HIS B 118 -0.39 24.11 20.01
CA HIS B 118 0.51 23.82 21.11
C HIS B 118 -0.25 23.13 22.24
N ILE B 119 0.35 22.08 22.78
CA ILE B 119 -0.16 21.42 23.97
C ILE B 119 -0.21 22.41 25.15
N GLY B 120 -1.30 22.36 25.91
CA GLY B 120 -1.47 23.22 27.08
C GLY B 120 -0.64 22.73 28.26
N ALA B 121 -0.23 23.65 29.12
CA ALA B 121 0.74 23.35 30.18
C ALA B 121 0.20 22.40 31.26
N ASP B 122 -1.12 22.19 31.30
CA ASP B 122 -1.72 21.23 32.24
C ASP B 122 -1.81 19.83 31.64
N ASP B 123 -1.71 19.73 30.32
CA ASP B 123 -1.72 18.45 29.63
C ASP B 123 -0.41 17.74 29.94
N ALA B 124 -0.51 16.50 30.41
CA ALA B 124 0.68 15.76 30.87
C ALA B 124 1.58 15.34 29.71
N ARG B 125 1.12 15.54 28.49
CA ARG B 125 1.88 15.08 27.34
C ARG B 125 2.98 16.09 26.94
N GLY B 126 2.91 17.33 27.44
CA GLY B 126 3.74 18.43 26.93
C GLY B 126 5.19 18.44 27.41
N TRP B 127 6.03 19.26 26.76
CA TRP B 127 7.40 19.48 27.23
C TRP B 127 7.91 20.90 26.91
N GLU B 128 9.00 21.29 27.57
CA GLU B 128 9.62 22.56 27.26
C GLU B 128 10.30 22.52 25.90
N THR B 129 10.14 23.61 25.15
CA THR B 129 10.73 23.73 23.83
C THR B 129 11.98 24.64 23.88
N ILE B 130 12.84 24.57 22.86
CA ILE B 130 14.06 25.39 22.80
C ILE B 130 14.14 26.04 21.44
N ALA B 131 14.85 27.17 21.36
CA ALA B 131 14.95 27.99 20.15
C ALA B 131 16.16 28.94 20.30
N PRO B 132 16.52 29.68 19.21
CA PRO B 132 17.63 30.63 19.32
C PRO B 132 17.30 31.73 20.32
N SER B 133 16.05 32.20 20.29
CA SER B 133 15.57 33.28 21.16
C SER B 133 14.15 33.01 21.70
N ALA B 134 13.88 33.55 22.89
CA ALA B 134 12.59 33.38 23.59
C ALA B 134 11.48 34.20 22.94
N ILE B 135 11.03 33.74 21.77
CA ILE B 135 10.00 34.43 21.01
C ILE B 135 9.08 33.37 20.44
N ALA B 136 7.77 33.53 20.64
CA ALA B 136 6.83 32.52 20.16
C ALA B 136 6.48 32.76 18.69
N PHE B 137 6.17 31.68 18.01
CA PHE B 137 5.65 31.72 16.66
C PHE B 137 4.40 32.59 16.62
N GLY B 138 3.51 32.36 17.58
CA GLY B 138 2.27 33.08 17.68
C GLY B 138 1.13 32.23 17.18
N ALA B 139 -0.02 32.86 16.91
CA ALA B 139 -1.17 32.13 16.36
C ALA B 139 -1.48 30.88 17.20
N HIS B 140 -1.52 29.72 16.55
CA HIS B 140 -1.90 28.46 17.21
C HIS B 140 -0.75 27.82 17.96
N LEU B 141 0.42 28.48 17.93
CA LEU B 141 1.60 27.97 18.60
C LEU B 141 2.17 29.08 19.51
N PRO B 142 1.49 29.41 20.62
CA PRO B 142 1.83 30.50 21.52
C PRO B 142 2.93 30.22 22.53
N ASN B 143 3.30 28.97 22.74
CA ASN B 143 4.30 28.65 23.76
C ASN B 143 5.63 29.34 23.46
N VAL B 144 6.16 30.06 24.45
CA VAL B 144 7.43 30.73 24.29
C VAL B 144 8.55 29.74 24.62
N PRO B 145 9.50 29.58 23.69
CA PRO B 145 10.55 28.59 23.92
C PRO B 145 11.65 29.10 24.84
N ARG B 146 12.46 28.20 25.35
CA ARG B 146 13.66 28.61 26.07
C ARG B 146 14.79 29.03 25.08
N ALA B 147 15.46 30.16 25.32
CA ALA B 147 16.64 30.55 24.52
C ALA B 147 17.80 29.60 24.76
N MET B 148 18.36 29.06 23.68
CA MET B 148 19.47 28.11 23.84
C MET B 148 20.75 28.79 24.31
N THR B 149 21.50 28.09 25.16
CA THR B 149 22.85 28.55 25.52
C THR B 149 23.84 27.95 24.53
N LEU B 150 25.10 28.38 24.60
CA LEU B 150 26.14 27.73 23.81
C LEU B 150 26.25 26.22 24.12
N ASP B 151 26.00 25.85 25.36
CA ASP B 151 26.08 24.45 25.73
C ASP B 151 24.95 23.67 25.04
N ASP B 152 23.78 24.30 24.95
CA ASP B 152 22.64 23.72 24.22
C ASP B 152 22.95 23.52 22.73
N ILE B 153 23.59 24.53 22.14
CA ILE B 153 23.92 24.48 20.73
C ILE B 153 24.88 23.30 20.49
N ALA B 154 25.86 23.16 21.37
CA ALA B 154 26.83 22.09 21.28
C ALA B 154 26.14 20.74 21.37
N ARG B 155 25.17 20.65 22.26
CA ARG B 155 24.48 19.37 22.53
C ARG B 155 23.63 18.95 21.33
N VAL B 156 22.86 19.89 20.82
CA VAL B 156 21.99 19.64 19.67
C VAL B 156 22.81 19.27 18.44
N LYS B 157 23.94 19.91 18.25
CA LYS B 157 24.80 19.55 17.12
C LYS B 157 25.24 18.12 17.26
N GLN B 158 25.66 17.76 18.47
CA GLN B 158 26.06 16.38 18.70
C GLN B 158 24.89 15.38 18.52
N ASP B 159 23.66 15.81 18.78
CA ASP B 159 22.50 14.91 18.61
C ASP B 159 22.27 14.68 17.11
N PHE B 160 22.43 15.71 16.29
CA PHE B 160 22.39 15.52 14.84
C PHE B 160 23.50 14.59 14.40
N VAL B 161 24.68 14.70 15.00
CA VAL B 161 25.74 13.79 14.63
C VAL B 161 25.40 12.37 15.01
N ASP B 162 24.90 12.17 16.23
CA ASP B 162 24.57 10.81 16.67
C ASP B 162 23.44 10.21 15.81
N ALA B 163 22.41 11.01 15.54
CA ALA B 163 21.35 10.60 14.62
C ALA B 163 21.87 10.15 13.26
N ALA B 164 22.77 10.92 12.65
CA ALA B 164 23.31 10.52 11.35
C ALA B 164 24.12 9.24 11.47
N ARG B 165 24.91 9.12 12.52
CA ARG B 165 25.68 7.91 12.73
C ARG B 165 24.67 6.73 12.81
N ARG B 166 23.58 6.88 13.55
CA ARG B 166 22.62 5.77 13.69
C ARG B 166 21.90 5.45 12.39
N ALA B 167 21.49 6.48 11.66
CA ALA B 167 20.90 6.31 10.34
C ALA B 167 21.81 5.53 9.41
N ARG B 168 23.11 5.80 9.46
CA ARG B 168 24.06 5.10 8.60
C ARG B 168 24.02 3.62 8.92
N ASP B 169 24.07 3.32 10.21
CA ASP B 169 24.14 1.95 10.69
C ASP B 169 22.83 1.18 10.42
N ALA B 170 21.71 1.89 10.41
CA ALA B 170 20.42 1.28 10.08
C ALA B 170 20.35 0.94 8.60
N GLY B 171 21.26 1.52 7.81
CA GLY B 171 21.31 1.21 6.39
C GLY B 171 20.69 2.24 5.46
N PHE B 172 20.32 3.40 5.98
CA PHE B 172 19.87 4.46 5.07
C PHE B 172 21.01 4.84 4.13
N GLU B 173 20.66 5.25 2.89
CA GLU B 173 21.62 5.52 1.83
C GLU B 173 21.57 6.98 1.38
N TRP B 174 20.87 7.79 2.17
CA TRP B 174 20.55 9.16 1.79
C TRP B 174 20.06 9.80 3.06
N ILE B 175 20.59 10.97 3.38
CA ILE B 175 20.19 11.67 4.58
C ILE B 175 19.81 13.08 4.22
N GLU B 176 18.83 13.63 4.92
CA GLU B 176 18.38 15.00 4.68
C GLU B 176 18.29 15.73 6.01
N LEU B 177 19.09 16.80 6.18
CA LEU B 177 19.02 17.66 7.37
C LEU B 177 17.83 18.64 7.25
N HIS B 178 16.94 18.67 8.23
CA HIS B 178 15.70 19.45 8.13
C HIS B 178 15.99 20.88 8.63
N PHE B 179 16.33 21.76 7.70
CA PHE B 179 16.69 23.14 8.03
C PHE B 179 15.59 24.02 7.50
N ALA B 180 14.40 23.44 7.35
CA ALA B 180 13.30 24.18 6.73
C ALA B 180 12.06 24.30 7.63
N HIS B 181 11.05 25.00 7.12
CA HIS B 181 9.68 24.99 7.67
C HIS B 181 9.54 25.52 9.11
N GLY B 182 10.49 26.36 9.53
CA GLY B 182 10.31 27.12 10.75
C GLY B 182 10.74 26.38 11.99
N TYR B 183 11.39 25.24 11.81
CA TYR B 183 11.84 24.43 12.92
C TYR B 183 13.22 24.95 13.31
N LEU B 184 13.98 24.20 14.08
CA LEU B 184 15.12 24.80 14.79
C LEU B 184 16.14 25.49 13.85
N GLY B 185 16.64 24.75 12.86
CA GLY B 185 17.56 25.30 11.89
C GLY B 185 17.08 26.52 11.13
N GLN B 186 15.87 26.44 10.58
CA GLN B 186 15.30 27.59 9.88
C GLN B 186 15.23 28.80 10.81
N SER B 187 14.90 28.58 12.08
CA SER B 187 14.70 29.68 13.03
C SER B 187 16.03 30.33 13.41
N PHE B 188 17.16 29.60 13.33
CA PHE B 188 18.47 30.21 13.52
C PHE B 188 18.79 31.14 12.36
N PHE B 189 18.34 30.79 11.16
CA PHE B 189 18.69 31.59 10.00
C PHE B 189 17.86 32.85 9.93
N SER B 190 16.59 32.77 10.32
CA SER B 190 15.67 33.88 10.08
C SER B 190 15.86 34.97 11.14
N GLU B 191 15.91 36.20 10.68
CA GLU B 191 15.95 37.35 11.58
C GLU B 191 14.64 37.51 12.32
N HIS B 192 13.58 36.86 11.84
CA HIS B 192 12.27 36.94 12.53
C HIS B 192 12.34 36.32 13.91
N SER B 193 13.14 35.26 14.02
CA SER B 193 13.13 34.39 15.19
C SER B 193 14.44 34.42 15.94
N ASN B 194 15.49 34.85 15.26
CA ASN B 194 16.81 34.88 15.84
C ASN B 194 17.18 36.30 16.24
N LYS B 195 17.11 36.60 17.53
CA LYS B 195 17.57 37.91 18.05
C LYS B 195 18.83 37.79 18.90
N ARG B 196 19.62 36.75 18.70
CA ARG B 196 20.79 36.55 19.52
C ARG B 196 21.85 37.64 19.27
N THR B 197 22.64 37.91 20.29
CA THR B 197 23.69 38.91 20.23
C THR B 197 25.09 38.29 20.32
N ASP B 198 25.15 36.97 20.26
CA ASP B 198 26.43 36.26 20.32
C ASP B 198 26.83 35.81 18.92
N ALA B 199 27.67 34.78 18.83
CA ALA B 199 28.21 34.35 17.55
C ALA B 199 27.14 33.67 16.66
N TYR B 200 25.98 33.36 17.21
CA TYR B 200 24.96 32.64 16.42
C TYR B 200 23.80 33.54 16.00
N GLY B 201 23.97 34.84 16.20
CA GLY B 201 22.94 35.81 15.83
C GLY B 201 23.45 37.13 15.27
N GLY B 202 22.58 37.83 14.55
CA GLY B 202 22.91 39.13 14.02
C GLY B 202 23.31 39.12 12.55
N SER B 203 24.60 39.08 12.27
CA SER B 203 25.05 39.09 10.89
C SER B 203 24.59 37.84 10.12
N PHE B 204 24.70 37.90 8.79
CA PHE B 204 24.52 36.73 7.95
C PHE B 204 25.45 35.60 8.38
N ASP B 205 26.72 35.93 8.65
CA ASP B 205 27.68 34.90 9.02
C ASP B 205 27.23 34.22 10.31
N ASN B 206 26.73 34.99 11.25
CA ASN B 206 26.38 34.42 12.55
C ASN B 206 25.08 33.60 12.47
N ARG B 207 24.11 34.09 11.72
CA ARG B 207 22.80 33.40 11.57
C ARG B 207 22.97 32.07 10.83
N SER B 208 23.89 32.06 9.86
CA SER B 208 24.27 30.86 9.10
C SER B 208 25.04 29.81 9.93
N ARG B 209 25.66 30.25 11.02
CA ARG B 209 26.65 29.44 11.73
C ARG B 209 26.09 28.11 12.24
N PHE B 210 24.92 28.14 12.85
CA PHE B 210 24.36 26.90 13.40
C PHE B 210 24.22 25.86 12.30
N LEU B 211 23.74 26.33 11.16
CA LEU B 211 23.44 25.45 10.03
C LEU B 211 24.72 24.88 9.46
N LEU B 212 25.72 25.76 9.25
CA LEU B 212 27.02 25.33 8.73
C LEU B 212 27.76 24.42 9.71
N GLU B 213 27.76 24.73 10.99
CA GLU B 213 28.46 23.87 11.93
C GLU B 213 27.78 22.51 12.04
N THR B 214 26.45 22.49 12.00
CA THR B 214 25.73 21.21 12.09
C THR B 214 26.06 20.36 10.87
N LEU B 215 25.98 20.97 9.69
CA LEU B 215 26.38 20.30 8.46
C LEU B 215 27.79 19.75 8.57
N ALA B 216 28.74 20.59 9.00
CA ALA B 216 30.14 20.17 9.09
C ALA B 216 30.28 19.02 10.04
N ALA B 217 29.58 19.10 11.17
CA ALA B 217 29.65 18.07 12.18
C ALA B 217 29.12 16.73 11.66
N VAL B 218 28.04 16.79 10.90
CA VAL B 218 27.42 15.59 10.35
C VAL B 218 28.28 15.00 9.24
N ARG B 219 28.88 15.86 8.43
CA ARG B 219 29.77 15.44 7.33
C ARG B 219 30.92 14.59 7.83
N GLU B 220 31.30 14.76 9.09
CA GLU B 220 32.39 13.97 9.66
C GLU B 220 32.03 12.48 9.87
N VAL B 221 30.76 12.15 10.13
CA VAL B 221 30.35 10.75 10.31
C VAL B 221 29.49 10.16 9.19
N TRP B 222 28.97 10.98 8.29
CA TRP B 222 28.14 10.46 7.23
C TRP B 222 29.05 10.05 6.07
N PRO B 223 28.88 8.83 5.51
CA PRO B 223 29.83 8.37 4.49
C PRO B 223 29.97 9.34 3.31
N GLU B 224 31.18 9.56 2.80
CA GLU B 224 31.36 10.47 1.65
C GLU B 224 30.69 9.94 0.41
N ASN B 225 30.49 8.62 0.35
CA ASN B 225 29.90 8.01 -0.84
C ASN B 225 28.37 7.87 -0.83
N LEU B 226 27.70 8.45 0.16
CA LEU B 226 26.24 8.54 0.14
C LEU B 226 25.78 10.00 0.15
N PRO B 227 24.69 10.31 -0.57
CA PRO B 227 24.22 11.70 -0.60
C PRO B 227 23.92 12.33 0.75
N LEU B 228 24.50 13.50 0.95
CA LEU B 228 24.30 14.34 2.13
C LEU B 228 23.51 15.54 1.67
N THR B 229 22.25 15.66 2.12
CA THR B 229 21.37 16.69 1.58
C THR B 229 20.75 17.47 2.73
N ALA B 230 20.00 18.51 2.39
CA ALA B 230 19.29 19.28 3.40
C ALA B 230 18.09 19.92 2.77
N ARG B 231 17.10 20.22 3.59
CA ARG B 231 15.94 21.00 3.12
C ARG B 231 16.04 22.34 3.78
N PHE B 232 15.79 23.39 3.00
CA PHE B 232 15.95 24.76 3.48
C PHE B 232 14.85 25.64 2.88
N GLY B 233 14.24 26.49 3.70
CA GLY B 233 13.23 27.42 3.22
C GLY B 233 13.92 28.67 2.75
N VAL B 234 13.85 28.94 1.44
CA VAL B 234 14.69 29.98 0.86
C VAL B 234 13.97 31.33 0.82
N LEU B 235 12.68 31.33 1.14
CA LEU B 235 11.96 32.59 1.29
C LEU B 235 10.70 32.35 2.13
N GLU B 236 10.09 33.43 2.60
CA GLU B 236 9.02 33.36 3.60
C GLU B 236 7.70 33.90 3.09
N TYR B 237 7.74 34.62 1.97
CA TYR B 237 6.61 35.43 1.46
C TYR B 237 6.09 36.40 2.52
N ASP B 238 7.05 37.15 3.05
CA ASP B 238 6.89 38.05 4.18
C ASP B 238 7.19 39.49 3.77
N GLY B 239 7.20 39.78 2.48
CA GLY B 239 7.50 41.11 2.03
C GLY B 239 8.99 41.41 1.92
N ARG B 240 9.82 40.42 2.24
CA ARG B 240 11.28 40.54 2.24
C ARG B 240 11.90 39.53 1.27
N ASP B 241 11.23 39.20 0.18
CA ASP B 241 11.59 38.03 -0.64
C ASP B 241 12.90 38.21 -1.41
N GLU B 242 13.13 39.35 -2.04
CA GLU B 242 14.33 39.43 -2.87
C GLU B 242 15.61 39.40 -2.02
N GLN B 243 15.63 40.13 -0.91
CA GLN B 243 16.80 40.11 0.00
C GLN B 243 16.94 38.73 0.64
N THR B 244 15.83 38.15 1.04
CA THR B 244 15.86 36.88 1.76
C THR B 244 16.34 35.78 0.82
N LEU B 245 15.89 35.83 -0.42
CA LEU B 245 16.26 34.80 -1.37
C LEU B 245 17.72 34.96 -1.80
N GLU B 246 18.18 36.20 -1.96
CA GLU B 246 19.58 36.45 -2.24
C GLU B 246 20.47 35.86 -1.12
N GLU B 247 20.13 36.12 0.14
CA GLU B 247 20.84 35.55 1.27
C GLU B 247 20.80 34.02 1.29
N SER B 248 19.61 33.45 1.08
CA SER B 248 19.42 32.01 1.06
C SER B 248 20.30 31.34 0.02
N ILE B 249 20.42 31.97 -1.14
CA ILE B 249 21.23 31.40 -2.21
C ILE B 249 22.70 31.50 -1.83
N GLU B 250 23.12 32.59 -1.23
CA GLU B 250 24.49 32.62 -0.78
C GLU B 250 24.77 31.49 0.21
N LEU B 251 23.82 31.18 1.09
CA LEU B 251 24.05 30.09 2.04
C LEU B 251 24.09 28.72 1.33
N ALA B 252 23.30 28.58 0.27
CA ALA B 252 23.34 27.37 -0.54
C ALA B 252 24.75 27.19 -1.09
N ARG B 253 25.38 28.28 -1.56
CA ARG B 253 26.78 28.18 -2.00
C ARG B 253 27.69 27.69 -0.90
N ARG B 254 27.46 28.18 0.29
CA ARG B 254 28.27 27.76 1.42
C ARG B 254 27.98 26.29 1.80
N PHE B 255 26.74 25.84 1.63
CA PHE B 255 26.43 24.43 1.85
C PHE B 255 27.25 23.57 0.88
N LYS B 256 27.28 23.97 -0.40
CA LYS B 256 28.02 23.22 -1.42
C LYS B 256 29.52 23.20 -1.07
N ALA B 257 30.07 24.34 -0.69
CA ALA B 257 31.49 24.40 -0.29
C ALA B 257 31.73 23.51 0.92
N GLY B 258 30.67 23.28 1.70
CA GLY B 258 30.71 22.38 2.84
C GLY B 258 30.33 20.93 2.60
N GLY B 259 30.17 20.56 1.32
CA GLY B 259 29.96 19.18 0.94
C GLY B 259 28.53 18.72 0.72
N LEU B 260 27.58 19.66 0.71
CA LEU B 260 26.18 19.27 0.48
C LEU B 260 26.09 18.72 -0.94
N ASP B 261 25.33 17.63 -1.15
CA ASP B 261 25.21 17.04 -2.49
C ASP B 261 23.98 17.48 -3.27
N LEU B 262 22.93 17.84 -2.53
CA LEU B 262 21.68 18.22 -3.12
C LEU B 262 20.89 19.01 -2.09
N LEU B 263 20.15 20.01 -2.57
CA LEU B 263 19.32 20.87 -1.73
C LEU B 263 17.81 20.73 -2.07
N SER B 264 17.00 20.41 -1.07
CA SER B 264 15.56 20.41 -1.24
C SER B 264 15.06 21.82 -0.92
N VAL B 265 14.55 22.48 -1.96
CA VAL B 265 14.20 23.89 -1.88
C VAL B 265 12.78 24.10 -1.41
N SER B 266 12.59 24.76 -0.27
CA SER B 266 11.23 25.00 0.19
C SER B 266 10.98 26.44 0.69
N VAL B 267 9.94 26.57 1.52
CA VAL B 267 9.50 27.84 2.06
C VAL B 267 9.83 27.78 3.56
N GLY B 268 10.03 28.95 4.18
CA GLY B 268 10.47 29.00 5.56
C GLY B 268 9.43 28.65 6.62
N PHE B 269 8.18 29.09 6.45
CA PHE B 269 7.12 28.90 7.45
C PHE B 269 7.58 29.38 8.84
N THR B 270 8.42 30.40 8.88
CA THR B 270 9.04 30.80 10.16
C THR B 270 8.08 31.59 11.06
N ILE B 271 7.19 32.35 10.44
CA ILE B 271 6.17 33.15 11.13
C ILE B 271 4.83 32.99 10.39
N PRO B 272 3.71 33.27 11.09
CA PRO B 272 2.38 33.14 10.50
C PRO B 272 1.97 34.31 9.61
N GLU B 273 2.59 35.48 9.79
CA GLU B 273 2.20 36.67 9.03
C GLU B 273 2.83 36.67 7.63
N THR B 274 2.30 35.81 6.76
CA THR B 274 2.84 35.65 5.41
C THR B 274 1.74 35.56 4.39
N ASN B 275 2.10 35.64 3.11
CA ASN B 275 1.12 35.46 2.06
C ASN B 275 1.68 34.53 0.96
N ILE B 276 1.70 33.24 1.26
CA ILE B 276 2.27 32.25 0.36
C ILE B 276 1.34 32.04 -0.84
N PRO B 277 1.87 32.16 -2.08
CA PRO B 277 1.01 32.05 -3.27
C PRO B 277 0.80 30.62 -3.79
N TRP B 278 0.17 29.80 -2.96
CA TRP B 278 -0.05 28.39 -3.27
C TRP B 278 -0.65 28.22 -4.64
N GLY B 279 -0.13 27.27 -5.39
CA GLY B 279 -0.56 27.03 -6.74
C GLY B 279 0.24 25.89 -7.33
N PRO B 280 -0.23 25.35 -8.45
CA PRO B 280 0.49 24.23 -9.06
C PRO B 280 1.89 24.61 -9.50
N ALA B 281 2.85 23.87 -8.96
CA ALA B 281 4.26 23.98 -9.35
C ALA B 281 4.86 25.36 -9.07
N PHE B 282 4.40 26.04 -8.02
CA PHE B 282 4.70 27.44 -7.88
C PHE B 282 6.16 27.64 -7.46
N MET B 283 6.78 26.60 -6.90
CA MET B 283 8.20 26.67 -6.54
C MET B 283 9.17 26.45 -7.71
N GLY B 284 8.66 26.07 -8.88
CA GLY B 284 9.50 25.76 -10.01
C GLY B 284 10.51 26.84 -10.33
N PRO B 285 10.06 28.08 -10.47
CA PRO B 285 11.00 29.15 -10.79
C PRO B 285 12.00 29.49 -9.66
N ILE B 286 11.58 29.39 -8.42
CA ILE B 286 12.48 29.62 -7.28
C ILE B 286 13.55 28.53 -7.28
N ALA B 287 13.11 27.28 -7.33
CA ALA B 287 14.02 26.15 -7.41
C ALA B 287 15.05 26.33 -8.52
N GLU B 288 14.59 26.73 -9.69
CA GLU B 288 15.47 26.87 -10.85
C GLU B 288 16.56 27.89 -10.54
N ARG B 289 16.17 28.98 -9.90
CA ARG B 289 17.11 30.05 -9.57
C ARG B 289 18.18 29.56 -8.59
N VAL B 290 17.78 28.84 -7.53
CA VAL B 290 18.73 28.24 -6.59
C VAL B 290 19.68 27.29 -7.34
N ARG B 291 19.13 26.45 -8.21
CA ARG B 291 19.94 25.44 -8.88
C ARG B 291 21.01 26.09 -9.74
N ARG B 292 20.60 27.11 -10.49
CA ARG B 292 21.45 27.83 -11.43
C ARG B 292 22.52 28.70 -10.75
N GLU B 293 22.07 29.44 -9.75
CA GLU B 293 22.92 30.42 -9.09
C GLU B 293 23.87 29.78 -8.07
N ALA B 294 23.39 28.78 -7.32
CA ALA B 294 24.28 28.06 -6.40
C ALA B 294 24.98 26.87 -7.06
N LYS B 295 24.64 26.57 -8.30
CA LYS B 295 25.22 25.44 -9.02
C LYS B 295 25.19 24.14 -8.23
N LEU B 296 23.99 23.83 -7.76
CA LEU B 296 23.76 22.68 -6.92
C LEU B 296 22.49 21.94 -7.41
N PRO B 297 22.50 20.60 -7.41
CA PRO B 297 21.29 19.84 -7.72
C PRO B 297 20.21 20.13 -6.70
N VAL B 298 18.97 20.17 -7.14
CA VAL B 298 17.86 20.52 -6.26
C VAL B 298 16.64 19.61 -6.48
N THR B 299 15.81 19.46 -5.44
CA THR B 299 14.43 19.05 -5.64
C THR B 299 13.50 20.11 -5.03
N SER B 300 12.21 20.00 -5.36
CA SER B 300 11.17 20.74 -4.65
C SER B 300 9.82 19.98 -4.73
N ALA B 301 8.82 20.55 -4.07
CA ALA B 301 7.51 19.96 -3.91
C ALA B 301 6.48 21.09 -3.95
N TRP B 302 5.36 20.86 -3.27
N TRP B 302 5.24 20.78 -3.56
CA TRP B 302 4.11 21.58 -3.46
CA TRP B 302 4.16 21.75 -3.40
C TRP B 302 3.75 21.69 -4.92
C TRP B 302 3.35 21.96 -4.69
N GLY B 303 2.76 20.89 -5.24
CA GLY B 303 1.98 21.01 -6.45
C GLY B 303 2.68 20.56 -7.70
N PHE B 304 3.58 19.58 -7.57
CA PHE B 304 4.14 18.95 -8.75
C PHE B 304 3.45 17.62 -8.98
N GLY B 305 2.37 17.37 -8.24
CA GLY B 305 1.77 16.05 -8.20
C GLY B 305 0.81 15.72 -9.33
N THR B 306 1.21 16.11 -10.52
CA THR B 306 0.45 15.89 -11.74
C THR B 306 1.53 15.38 -12.68
N PRO B 307 1.27 14.29 -13.42
CA PRO B 307 2.42 13.79 -14.17
C PRO B 307 2.99 14.83 -15.13
N GLN B 308 2.12 15.62 -15.78
CA GLN B 308 2.62 16.57 -16.77
C GLN B 308 3.43 17.70 -16.10
N LEU B 309 3.07 18.08 -14.87
CA LEU B 309 3.77 19.16 -14.19
C LEU B 309 5.18 18.70 -13.80
N ALA B 310 5.28 17.46 -13.32
CA ALA B 310 6.58 16.97 -12.92
C ALA B 310 7.51 16.87 -14.14
N GLU B 311 6.98 16.33 -15.23
CA GLU B 311 7.77 16.14 -16.46
C GLU B 311 8.29 17.47 -16.98
N ALA B 312 7.41 18.47 -16.95
CA ALA B 312 7.72 19.78 -17.46
C ALA B 312 8.86 20.44 -16.67
N ALA B 313 8.85 20.29 -15.35
CA ALA B 313 9.85 20.92 -14.51
C ALA B 313 11.21 20.29 -14.77
N LEU B 314 11.23 18.97 -15.01
CA LEU B 314 12.50 18.30 -15.32
C LEU B 314 13.03 18.74 -16.68
N GLN B 315 12.13 18.88 -17.64
CA GLN B 315 12.51 19.25 -19.00
C GLN B 315 13.01 20.69 -19.07
N ALA B 316 12.46 21.55 -18.21
CA ALA B 316 12.88 22.95 -18.14
C ALA B 316 14.15 23.11 -17.28
N ASN B 317 14.65 21.99 -16.74
CA ASN B 317 15.79 21.98 -15.84
C ASN B 317 15.61 22.87 -14.63
N GLN B 318 14.41 22.85 -14.11
CA GLN B 318 14.13 23.57 -12.89
C GLN B 318 14.55 22.75 -11.68
N LEU B 319 14.59 21.43 -11.86
CA LEU B 319 14.72 20.43 -10.77
C LEU B 319 15.53 19.23 -11.29
N ASP B 320 16.15 18.49 -10.39
CA ASP B 320 16.74 17.20 -10.76
C ASP B 320 15.86 16.00 -10.36
N LEU B 321 15.17 16.16 -9.25
CA LEU B 321 14.19 15.20 -8.79
C LEU B 321 12.91 15.95 -8.50
N VAL B 322 11.78 15.29 -8.72
CA VAL B 322 10.49 15.85 -8.35
C VAL B 322 9.94 15.13 -7.12
N SER B 323 9.65 15.90 -6.08
CA SER B 323 9.08 15.32 -4.85
C SER B 323 7.56 15.40 -4.92
N VAL B 324 6.94 14.23 -4.80
CA VAL B 324 5.50 14.08 -4.93
C VAL B 324 5.02 13.48 -3.61
N GLY B 325 4.37 14.30 -2.77
CA GLY B 325 3.97 13.81 -1.45
C GLY B 325 2.50 13.37 -1.34
N ARG B 326 1.61 14.33 -1.22
CA ARG B 326 0.19 13.97 -0.97
C ARG B 326 -0.40 13.03 -2.01
N ALA B 327 0.10 13.07 -3.25
CA ALA B 327 -0.44 12.18 -4.28
C ALA B 327 -0.12 10.71 -3.95
N HIS B 328 0.96 10.48 -3.21
CA HIS B 328 1.35 9.16 -2.75
C HIS B 328 0.53 8.73 -1.53
N LEU B 329 0.01 9.69 -0.78
CA LEU B 329 -0.88 9.33 0.35
C LEU B 329 -2.22 8.84 -0.24
N ALA B 330 -2.65 9.52 -1.28
CA ALA B 330 -3.88 9.16 -1.97
C ALA B 330 -3.79 7.85 -2.74
N ASP B 331 -2.65 7.61 -3.37
CA ASP B 331 -2.40 6.41 -4.15
C ASP B 331 -0.92 6.04 -4.00
N PRO B 332 -0.62 5.00 -3.21
CA PRO B 332 0.77 4.61 -2.99
C PRO B 332 1.47 4.10 -4.24
N HIS B 333 0.71 3.82 -5.30
CA HIS B 333 1.28 3.45 -6.59
C HIS B 333 1.28 4.60 -7.58
N TRP B 334 1.31 5.83 -7.07
CA TRP B 334 1.30 7.01 -7.96
C TRP B 334 2.33 6.94 -9.08
N ALA B 335 3.54 6.44 -8.80
CA ALA B 335 4.55 6.42 -9.87
C ALA B 335 4.07 5.60 -11.07
N TYR B 336 3.27 4.58 -10.83
CA TYR B 336 2.70 3.77 -11.92
C TYR B 336 1.69 4.58 -12.69
N PHE B 337 0.86 5.33 -11.98
CA PHE B 337 -0.12 6.21 -12.60
C PHE B 337 0.59 7.22 -13.50
N ALA B 338 1.68 7.81 -12.99
CA ALA B 338 2.48 8.73 -13.81
C ALA B 338 3.10 8.05 -15.01
N ALA B 339 3.58 6.83 -14.89
CA ALA B 339 4.26 6.21 -16.04
C ALA B 339 3.25 5.91 -17.15
N LYS B 340 2.04 5.54 -16.76
CA LYS B 340 0.91 5.35 -17.70
C LYS B 340 0.51 6.64 -18.38
N GLU B 341 0.29 7.70 -17.59
CA GLU B 341 -0.04 9.02 -18.15
C GLU B 341 0.99 9.53 -19.14
N LEU B 342 2.27 9.34 -18.87
CA LEU B 342 3.31 9.90 -19.74
C LEU B 342 3.69 8.92 -20.86
N GLY B 343 2.91 7.86 -21.01
CA GLY B 343 3.11 6.90 -22.10
C GLY B 343 4.42 6.13 -22.04
N VAL B 344 4.88 5.83 -20.84
CA VAL B 344 6.11 5.06 -20.68
C VAL B 344 5.92 3.65 -21.22
N GLU B 345 6.97 3.13 -21.87
CA GLU B 345 6.97 1.76 -22.38
C GLU B 345 6.78 0.78 -21.23
N LYS B 346 5.80 -0.11 -21.37
CA LYS B 346 5.56 -1.15 -20.39
C LYS B 346 5.45 -0.52 -19.01
N ALA B 347 4.53 0.43 -18.91
CA ALA B 347 4.34 1.21 -17.71
C ALA B 347 3.97 0.35 -16.52
N SER B 348 3.27 -0.76 -16.75
CA SER B 348 2.80 -1.51 -15.59
C SER B 348 3.99 -2.13 -14.85
N TRP B 349 5.13 -2.25 -15.52
CA TRP B 349 6.31 -2.84 -14.87
C TRP B 349 7.11 -1.78 -14.06
N THR B 350 6.50 -0.63 -13.83
CA THR B 350 6.93 0.25 -12.76
C THR B 350 6.64 -0.43 -11.43
N LEU B 351 5.65 -1.33 -11.46
CA LEU B 351 5.22 -2.13 -10.32
C LEU B 351 5.90 -3.50 -10.34
N PRO B 352 5.93 -4.18 -9.19
CA PRO B 352 6.41 -5.58 -9.17
C PRO B 352 5.51 -6.56 -9.94
N ALA B 353 6.09 -7.68 -10.34
CA ALA B 353 5.47 -8.66 -11.22
C ALA B 353 4.03 -9.10 -10.86
N PRO B 354 3.74 -9.35 -9.57
CA PRO B 354 2.38 -9.85 -9.22
C PRO B 354 1.29 -8.87 -9.57
N TYR B 355 1.69 -7.59 -9.72
CA TYR B 355 0.78 -6.54 -10.21
C TYR B 355 0.99 -6.27 -11.71
N ALA B 356 2.23 -6.04 -12.11
CA ALA B 356 2.55 -5.64 -13.49
C ALA B 356 2.03 -6.62 -14.54
N HIS B 357 2.10 -7.91 -14.25
CA HIS B 357 1.67 -8.93 -15.22
C HIS B 357 0.24 -8.75 -15.62
N TRP B 358 -0.56 -8.54 -14.61
CA TRP B 358 -1.98 -8.46 -14.77
C TRP B 358 -2.42 -7.12 -15.30
N LEU B 359 -1.64 -6.07 -15.05
CA LEU B 359 -2.04 -4.73 -15.49
C LEU B 359 -1.51 -4.33 -16.90
N GLU B 360 -0.69 -5.14 -17.55
CA GLU B 360 -0.15 -4.74 -18.86
C GLU B 360 -1.15 -5.00 -19.99
#